data_3ORQ
#
_entry.id   3ORQ
#
_cell.length_a   66.409
_cell.length_b   53.453
_cell.length_c   110.395
_cell.angle_alpha   90.00
_cell.angle_beta   94.70
_cell.angle_gamma   90.00
#
_symmetry.space_group_name_H-M   'P 1 21 1'
#
loop_
_entity.id
_entity.type
_entity.pdbx_description
1 polymer 'N5-Carboxyaminoimidazole ribonucleotide synthetase'
2 non-polymer 'MAGNESIUM ION'
3 non-polymer "ADENOSINE-5'-DIPHOSPHATE"
4 non-polymer 'PYROPHOSPHATE 2-'
5 non-polymer GLYCEROL
6 water water
#
_entity_poly.entity_id   1
_entity_poly.type   'polypeptide(L)'
_entity_poly.pdbx_seq_one_letter_code
;SNA(MSE)NFNKLKFGATIGIIGGGQLGK(MSE)(MSE)AQSAQK(MSE)GYKVVVLDPSEDCPCRYVAHEFIQAKYDDE
KALNQLGQKCDVITYEFENISAQQLKLLCEKYNIPQGYQAIQLLQDRLTEKETLKSAGTKVVPFISVKESTDIDKAIETL
GYPFIVKTRFGGYDGKGQVLINNEKDLQEGFKLIETSECVAEKYLNIKKEVSLTVTRGNNNQITFFPLQENEHRNQILFK
TIVPARIDKTAEAKEQVNKIIQSIHFIGTFTVEFFIDSNNQLYVNEIAPRPHNSGHYSIEACDYSQFDTHILAVTGQSLP
NSIELLKPAV(MSE)(MSE)NLLGKDLDLLENEFNEHPEWHLHIYGKSERKDSRK(MSE)GH(MSE)TVLTNDVNQTEQD
(MSE)YAKFEGSN
;
_entity_poly.pdbx_strand_id   A,B
#
# COMPACT_ATOMS: atom_id res chain seq x y z
N ASN A 2 28.10 14.36 -8.62
CA ASN A 2 26.86 13.55 -8.90
C ASN A 2 27.14 12.16 -9.49
N ALA A 3 26.97 11.13 -8.68
CA ALA A 3 27.30 9.78 -9.13
C ALA A 3 26.20 9.21 -10.01
N ASN A 5 26.54 6.03 -10.73
CA ASN A 5 26.37 4.75 -10.03
C ASN A 5 26.64 4.88 -8.54
N PHE A 6 25.78 4.25 -7.73
CA PHE A 6 25.81 4.45 -6.28
C PHE A 6 25.37 3.22 -5.48
N ASN A 7 25.46 3.28 -4.16
CA ASN A 7 25.22 2.09 -3.33
C ASN A 7 23.92 1.37 -3.63
N LYS A 8 24.03 0.06 -3.82
CA LYS A 8 22.89 -0.84 -3.91
C LYS A 8 22.58 -1.32 -2.50
N LEU A 9 21.47 -0.83 -1.94
CA LEU A 9 21.07 -1.18 -0.56
C LEU A 9 20.05 -2.30 -0.53
N LYS A 10 20.26 -3.26 0.35
CA LYS A 10 19.38 -4.42 0.47
C LYS A 10 18.41 -4.24 1.61
N PHE A 11 17.31 -4.97 1.55
CA PHE A 11 16.32 -4.83 2.59
C PHE A 11 17.03 -4.94 3.92
N GLY A 12 16.48 -4.27 4.95
CA GLY A 12 17.16 -4.24 6.24
C GLY A 12 17.95 -2.95 6.43
N ALA A 13 18.28 -2.26 5.32
CA ALA A 13 18.99 -1.00 5.46
C ALA A 13 18.01 0.08 5.91
N THR A 14 18.55 1.22 6.33
CA THR A 14 17.74 2.31 6.84
C THR A 14 17.67 3.53 5.91
N ILE A 15 16.47 4.01 5.69
CA ILE A 15 16.24 5.15 4.84
C ILE A 15 15.85 6.34 5.67
N GLY A 16 16.56 7.44 5.48
CA GLY A 16 16.24 8.69 6.15
C GLY A 16 15.38 9.58 5.27
N ILE A 17 14.35 10.20 5.88
CA ILE A 17 13.45 11.10 5.16
C ILE A 17 13.40 12.45 5.83
N ILE A 18 13.76 13.47 5.09
CA ILE A 18 13.63 14.82 5.61
C ILE A 18 12.25 15.34 5.21
N GLY A 19 11.38 15.52 6.21
CA GLY A 19 9.98 15.94 5.95
C GLY A 19 9.01 14.80 6.25
N GLY A 20 8.01 15.05 7.09
CA GLY A 20 7.08 14.03 7.51
C GLY A 20 5.65 14.31 7.12
N GLY A 21 5.46 15.01 6.02
CA GLY A 21 4.14 15.31 5.53
C GLY A 21 3.61 14.04 4.91
N GLN A 22 2.55 14.14 4.12
CA GLN A 22 1.92 12.97 3.62
C GLN A 22 2.79 12.30 2.57
N LEU A 23 3.63 13.08 1.91
CA LEU A 23 4.51 12.50 0.88
C LEU A 23 5.53 11.59 1.54
N GLY A 24 6.10 12.04 2.66
CA GLY A 24 7.03 11.25 3.46
C GLY A 24 6.32 9.99 3.95
N LYS A 25 5.05 10.14 4.33
CA LYS A 25 4.30 9.04 4.92
C LYS A 25 4.17 7.96 3.89
N ALA A 28 7.36 6.21 3.26
CA ALA A 28 7.71 5.32 4.39
C ALA A 28 6.88 4.03 4.38
N GLN A 29 5.60 4.14 3.98
CA GLN A 29 4.77 2.93 3.83
C GLN A 29 5.31 2.00 2.76
N SER A 30 5.76 2.54 1.62
CA SER A 30 6.40 1.69 0.63
C SER A 30 7.71 1.08 1.16
N ALA A 31 8.52 1.91 1.78
CA ALA A 31 9.79 1.45 2.30
C ALA A 31 9.58 0.32 3.31
N GLN A 32 8.61 0.45 4.22
CA GLN A 32 8.41 -0.64 5.24
C GLN A 32 7.87 -1.93 4.61
N LYS A 33 6.92 -1.80 3.69
CA LYS A 33 6.50 -2.93 2.87
C LYS A 33 7.70 -3.72 2.22
N GLY A 35 10.69 -3.81 3.31
CA GLY A 35 11.63 -4.28 4.35
C GLY A 35 12.81 -3.35 4.66
N TYR A 36 12.67 -2.06 4.34
CA TYR A 36 13.62 -1.02 4.79
C TYR A 36 13.10 -0.38 6.09
N LYS A 37 14.02 0.03 6.95
CA LYS A 37 13.63 0.75 8.13
C LYS A 37 13.57 2.22 7.77
N VAL A 38 12.81 2.99 8.54
CA VAL A 38 12.60 4.39 8.20
C VAL A 38 12.86 5.27 9.40
N VAL A 39 13.74 6.26 9.22
CA VAL A 39 13.90 7.36 10.19
C VAL A 39 13.37 8.65 9.54
N VAL A 40 12.52 9.36 10.24
CA VAL A 40 11.95 10.54 9.62
C VAL A 40 12.24 11.79 10.49
N LEU A 41 12.54 12.90 9.82
CA LEU A 41 12.85 14.18 10.48
C LEU A 41 11.79 15.22 10.07
N ASP A 42 11.16 15.84 11.06
CA ASP A 42 10.15 16.85 10.83
C ASP A 42 10.06 17.68 12.11
N PRO A 43 9.83 19.00 12.00
CA PRO A 43 9.65 19.86 13.20
C PRO A 43 8.38 19.58 13.99
N SER A 44 7.39 18.94 13.36
CA SER A 44 6.10 18.79 14.00
C SER A 44 5.88 17.36 14.53
N GLU A 45 5.53 17.26 15.81
CA GLU A 45 5.30 15.97 16.43
C GLU A 45 3.98 15.33 15.99
N ASP A 46 3.15 16.12 15.30
CA ASP A 46 1.89 15.61 14.73
C ASP A 46 2.05 15.25 13.25
N CYS A 47 3.27 15.32 12.71
CA CYS A 47 3.45 15.00 11.31
C CYS A 47 2.86 13.62 11.00
N PRO A 48 2.14 13.51 9.86
CA PRO A 48 1.51 12.28 9.36
C PRO A 48 2.46 11.06 9.25
N CYS A 49 3.76 11.27 9.10
CA CYS A 49 4.69 10.16 8.82
C CYS A 49 5.21 9.55 10.14
N ARG A 50 4.89 10.18 11.26
CA ARG A 50 5.54 9.84 12.52
C ARG A 50 5.37 8.40 12.95
N TYR A 51 4.19 7.85 12.72
CA TYR A 51 3.92 6.46 13.13
C TYR A 51 4.02 5.40 12.03
N VAL A 52 4.61 5.76 10.88
CA VAL A 52 5.09 4.75 9.95
C VAL A 52 6.64 4.82 9.78
N ALA A 53 7.31 5.32 10.83
CA ALA A 53 8.78 5.34 10.93
C ALA A 53 9.27 4.53 12.12
N HIS A 54 10.44 3.91 12.01
CA HIS A 54 11.08 3.26 13.13
C HIS A 54 11.56 4.27 14.11
N GLU A 55 11.96 5.42 13.62
CA GLU A 55 12.45 6.44 14.50
C GLU A 55 12.00 7.81 14.02
N PHE A 56 11.68 8.69 14.96
CA PHE A 56 11.24 10.03 14.65
C PHE A 56 12.23 11.02 15.29
N ILE A 57 12.80 11.90 14.48
CA ILE A 57 13.66 12.97 14.96
C ILE A 57 12.90 14.30 14.77
N GLN A 58 12.50 14.91 15.89
CA GLN A 58 11.79 16.17 15.83
C GLN A 58 12.85 17.29 15.82
N ALA A 59 12.92 18.02 14.71
CA ALA A 59 13.84 19.12 14.55
C ALA A 59 13.47 19.93 13.31
N LYS A 60 13.89 21.19 13.27
CA LYS A 60 13.69 22.02 12.09
C LYS A 60 14.58 21.58 10.94
N TYR A 61 14.19 21.94 9.74
CA TYR A 61 14.93 21.54 8.54
C TYR A 61 16.28 22.26 8.37
N ASP A 62 16.47 23.35 9.09
CA ASP A 62 17.77 24.07 9.09
C ASP A 62 18.69 23.60 10.22
N ASP A 63 18.21 22.69 11.08
CA ASP A 63 18.94 22.27 12.28
C ASP A 63 20.03 21.26 11.92
N GLU A 64 21.28 21.73 11.90
CA GLU A 64 22.44 20.97 11.44
C GLU A 64 22.80 19.76 12.31
N LYS A 65 22.65 19.89 13.64
CA LYS A 65 22.93 18.76 14.53
C LYS A 65 21.95 17.61 14.25
N ALA A 66 20.68 17.96 14.10
CA ALA A 66 19.63 16.96 13.89
C ALA A 66 19.81 16.30 12.52
N LEU A 67 20.11 17.10 11.47
CA LEU A 67 20.31 16.51 10.14
C LEU A 67 21.50 15.55 10.17
N ASN A 68 22.55 15.89 10.93
CA ASN A 68 23.64 14.96 11.09
C ASN A 68 23.33 13.66 11.83
N GLN A 69 22.54 13.77 12.90
CA GLN A 69 21.99 12.59 13.56
C GLN A 69 21.19 11.73 12.60
N LEU A 70 20.41 12.36 11.74
CA LEU A 70 19.70 11.61 10.71
C LEU A 70 20.68 10.83 9.83
N GLY A 71 21.74 11.49 9.37
CA GLY A 71 22.76 10.83 8.56
C GLY A 71 23.49 9.72 9.27
N GLN A 72 23.75 9.89 10.57
CA GLN A 72 24.41 8.84 11.36
C GLN A 72 23.55 7.57 11.44
N LYS A 73 22.23 7.71 11.35
CA LYS A 73 21.34 6.56 11.52
C LYS A 73 21.00 5.83 10.23
N CYS A 74 21.33 6.42 9.08
CA CYS A 74 20.72 5.99 7.81
C CYS A 74 21.77 5.55 6.83
N ASP A 75 21.37 4.67 5.91
CA ASP A 75 22.27 4.24 4.84
C ASP A 75 22.04 5.06 3.57
N VAL A 76 20.88 5.67 3.48
CA VAL A 76 20.55 6.59 2.38
C VAL A 76 19.64 7.66 2.91
N ILE A 77 19.75 8.89 2.38
CA ILE A 77 18.84 9.96 2.82
C ILE A 77 18.14 10.55 1.61
N THR A 78 16.81 10.69 1.72
CA THR A 78 16.00 11.34 0.67
C THR A 78 15.18 12.43 1.34
N TYR A 79 14.44 13.19 0.55
CA TYR A 79 13.72 14.31 1.12
C TYR A 79 12.38 14.31 0.49
N GLU A 80 11.44 14.89 1.23
CA GLU A 80 10.04 14.84 0.92
C GLU A 80 9.57 16.21 0.41
N PHE A 81 10.28 17.27 0.73
CA PHE A 81 9.85 18.60 0.28
C PHE A 81 11.07 19.51 0.06
N GLU A 82 10.95 20.45 -0.86
CA GLU A 82 12.04 21.36 -1.22
C GLU A 82 12.42 22.36 -0.12
N ASN A 83 11.87 22.16 1.07
CA ASN A 83 12.16 23.02 2.23
C ASN A 83 13.64 23.35 2.43
N ILE A 84 14.43 22.31 2.72
CA ILE A 84 15.80 22.44 3.21
C ILE A 84 16.71 23.38 2.41
N SER A 85 17.68 23.98 3.09
CA SER A 85 18.62 24.84 2.40
C SER A 85 19.63 24.01 1.61
N ALA A 86 19.88 24.46 0.40
CA ALA A 86 20.84 23.83 -0.48
C ALA A 86 22.22 23.72 0.17
N GLN A 87 22.56 24.75 0.96
CA GLN A 87 23.85 24.77 1.63
C GLN A 87 23.96 23.68 2.70
N GLN A 88 22.88 23.43 3.44
CA GLN A 88 22.88 22.38 4.46
C GLN A 88 22.99 21.00 3.78
N LEU A 89 22.23 20.85 2.70
CA LEU A 89 22.10 19.60 2.00
C LEU A 89 23.43 19.24 1.31
N LYS A 90 24.14 20.25 0.79
CA LYS A 90 25.47 20.03 0.20
C LYS A 90 26.43 19.44 1.24
N LEU A 91 26.54 20.07 2.39
CA LEU A 91 27.27 19.50 3.51
C LEU A 91 26.92 18.02 3.81
N LEU A 92 25.64 17.69 3.78
CA LEU A 92 25.17 16.33 4.07
C LEU A 92 25.51 15.33 2.96
N CYS A 93 25.41 15.76 1.69
CA CYS A 93 25.73 14.92 0.56
C CYS A 93 27.18 14.54 0.62
N GLU A 94 27.96 15.46 1.18
CA GLU A 94 29.41 15.27 1.21
C GLU A 94 29.80 14.26 2.28
N LYS A 95 29.00 14.13 3.34
CA LYS A 95 29.34 13.21 4.41
C LYS A 95 28.55 11.90 4.38
N TYR A 96 27.33 11.93 3.85
CA TYR A 96 26.48 10.74 3.83
C TYR A 96 26.00 10.39 2.44
N ASN A 97 25.23 9.31 2.32
CA ASN A 97 24.77 8.83 1.01
C ASN A 97 23.42 9.41 0.60
N ILE A 98 23.47 10.35 -0.35
CA ILE A 98 22.29 11.04 -0.86
C ILE A 98 22.42 11.13 -2.39
N PRO A 99 22.04 10.06 -3.08
CA PRO A 99 22.24 9.99 -4.51
C PRO A 99 21.50 11.12 -5.23
N GLN A 100 20.46 11.67 -4.61
CA GLN A 100 19.75 12.82 -5.18
C GLN A 100 20.57 14.10 -5.26
N GLY A 101 21.66 14.20 -4.48
CA GLY A 101 22.57 15.38 -4.60
C GLY A 101 21.87 16.63 -4.06
N TYR A 102 22.42 17.81 -4.33
CA TYR A 102 21.85 19.07 -3.85
C TYR A 102 21.48 20.00 -5.01
N GLN A 103 21.90 19.65 -6.21
CA GLN A 103 21.68 20.53 -7.37
C GLN A 103 20.20 20.72 -7.65
N ALA A 104 19.45 19.62 -7.65
CA ALA A 104 18.03 19.68 -7.97
C ALA A 104 17.40 20.69 -7.04
N ILE A 105 17.62 20.50 -5.74
CA ILE A 105 17.03 21.36 -4.72
C ILE A 105 17.47 22.78 -4.87
N GLN A 106 18.77 23.03 -4.92
CA GLN A 106 19.32 24.40 -5.03
C GLN A 106 18.62 25.19 -6.12
N LEU A 107 18.50 24.54 -7.27
CA LEU A 107 18.15 25.19 -8.49
C LEU A 107 16.63 25.32 -8.61
N LEU A 108 15.89 24.33 -8.12
CA LEU A 108 14.43 24.38 -8.18
C LEU A 108 13.73 25.11 -7.04
N GLN A 109 14.47 25.49 -6.00
CA GLN A 109 13.94 26.23 -4.84
C GLN A 109 13.48 27.59 -5.29
N ASP A 110 14.25 28.16 -6.19
CA ASP A 110 14.09 29.54 -6.57
C ASP A 110 13.55 29.62 -8.02
N ARG A 111 12.34 30.15 -8.16
CA ARG A 111 11.65 30.32 -9.46
C ARG A 111 12.50 30.94 -10.56
N LEU A 112 13.30 31.94 -10.25
CA LEU A 112 14.17 32.56 -11.27
C LEU A 112 15.20 31.57 -11.78
N THR A 113 15.84 30.86 -10.86
CA THR A 113 16.88 29.89 -11.23
C THR A 113 16.25 28.74 -12.00
N GLU A 114 15.04 28.38 -11.61
CA GLU A 114 14.27 27.33 -12.26
C GLU A 114 13.94 27.69 -13.71
N LYS A 115 13.45 28.91 -13.91
CA LYS A 115 13.14 29.39 -15.25
C LYS A 115 14.38 29.50 -16.10
N GLU A 116 15.45 30.08 -15.57
CA GLU A 116 16.71 30.23 -16.31
C GLU A 116 17.20 28.88 -16.80
N THR A 117 17.22 27.90 -15.89
CA THR A 117 17.73 26.58 -16.20
C THR A 117 16.93 25.96 -17.34
N LEU A 118 15.61 26.06 -17.25
CA LEU A 118 14.74 25.49 -18.26
C LEU A 118 15.03 26.08 -19.65
N LYS A 119 15.10 27.41 -19.73
CA LYS A 119 15.41 28.06 -20.99
C LYS A 119 16.79 27.65 -21.50
N SER A 120 17.76 27.65 -20.60
CA SER A 120 19.11 27.23 -20.92
C SER A 120 19.25 25.72 -21.31
N ALA A 121 18.28 24.89 -20.92
CA ALA A 121 18.27 23.50 -21.35
C ALA A 121 17.58 23.39 -22.69
N GLY A 122 17.16 24.54 -23.24
CA GLY A 122 16.41 24.56 -24.49
C GLY A 122 15.00 23.98 -24.43
N THR A 123 14.37 24.01 -23.27
CA THR A 123 12.96 23.63 -23.17
C THR A 123 12.04 24.83 -23.54
N LYS A 124 10.77 24.57 -23.79
CA LYS A 124 9.84 25.66 -24.09
C LYS A 124 9.29 26.27 -22.79
N VAL A 125 9.88 27.37 -22.35
CA VAL A 125 9.44 28.08 -21.14
C VAL A 125 8.53 29.27 -21.50
N VAL A 126 7.64 29.63 -20.58
CA VAL A 126 6.85 30.84 -20.70
C VAL A 126 7.79 32.03 -20.55
N PRO A 127 7.72 32.99 -21.49
CA PRO A 127 8.62 34.15 -21.43
C PRO A 127 8.56 34.81 -20.07
N PHE A 128 9.71 35.17 -19.52
CA PHE A 128 9.78 35.53 -18.10
C PHE A 128 10.83 36.58 -17.89
N ILE A 129 10.65 37.34 -16.80
CA ILE A 129 11.65 38.34 -16.37
C ILE A 129 11.69 38.48 -14.83
N SER A 130 12.88 38.70 -14.28
CA SER A 130 13.02 38.92 -12.84
C SER A 130 12.63 40.33 -12.42
N VAL A 131 11.90 40.41 -11.31
CA VAL A 131 11.46 41.68 -10.73
C VAL A 131 11.62 41.69 -9.22
N LYS A 132 12.71 42.31 -8.74
CA LYS A 132 12.94 42.49 -7.30
C LYS A 132 12.59 43.89 -6.81
N GLU A 133 12.62 44.86 -7.72
CA GLU A 133 12.39 46.25 -7.39
C GLU A 133 11.08 46.80 -7.97
N SER A 134 10.78 48.05 -7.62
CA SER A 134 9.57 48.74 -8.07
C SER A 134 9.56 49.04 -9.57
N THR A 135 10.73 49.40 -10.10
CA THR A 135 10.86 49.82 -11.50
C THR A 135 10.97 48.66 -12.48
N ASP A 136 11.35 47.49 -11.95
CA ASP A 136 11.52 46.31 -12.79
C ASP A 136 10.20 45.83 -13.36
N ILE A 137 9.10 46.34 -12.81
CA ILE A 137 7.76 46.05 -13.33
C ILE A 137 7.52 46.83 -14.61
N ASP A 138 8.10 48.03 -14.70
CA ASP A 138 8.06 48.82 -15.92
C ASP A 138 8.60 47.97 -17.05
N LYS A 139 9.72 47.29 -16.78
CA LYS A 139 10.27 46.34 -17.75
C LYS A 139 9.36 45.16 -18.09
N ALA A 140 8.57 44.70 -17.13
CA ALA A 140 7.66 43.54 -17.34
C ALA A 140 6.44 43.88 -18.19
N ILE A 141 5.89 45.09 -18.02
CA ILE A 141 4.79 45.56 -18.83
C ILE A 141 5.29 45.69 -20.26
N GLU A 142 6.53 46.16 -20.40
CA GLU A 142 7.16 46.36 -21.70
C GLU A 142 7.49 45.04 -22.43
N THR A 143 8.11 44.11 -21.70
CA THR A 143 8.73 42.91 -22.25
C THR A 143 7.80 41.69 -22.31
N LEU A 144 6.63 41.78 -21.69
CA LEU A 144 5.67 40.66 -21.69
C LEU A 144 4.27 41.14 -22.10
N GLY A 145 3.93 42.36 -21.69
CA GLY A 145 2.60 42.93 -21.94
C GLY A 145 1.50 42.37 -21.07
N TYR A 146 0.33 43.00 -21.12
CA TYR A 146 -0.89 42.49 -20.48
C TYR A 146 -1.52 41.36 -21.31
N PRO A 147 -1.95 40.26 -20.65
CA PRO A 147 -1.83 40.00 -19.20
C PRO A 147 -0.49 39.37 -18.84
N PHE A 148 -0.15 39.42 -17.54
CA PHE A 148 1.02 38.75 -16.98
C PHE A 148 0.86 38.53 -15.46
N ILE A 149 1.67 37.63 -14.92
CA ILE A 149 1.52 37.25 -13.53
C ILE A 149 2.83 37.32 -12.75
N VAL A 150 2.79 37.93 -11.57
CA VAL A 150 3.95 38.04 -10.67
C VAL A 150 3.91 36.96 -9.57
N LYS A 151 5.01 36.19 -9.44
CA LYS A 151 5.15 35.15 -8.41
C LYS A 151 6.35 35.42 -7.51
N THR A 152 6.19 35.19 -6.20
CA THR A 152 7.35 35.18 -5.31
C THR A 152 8.29 34.09 -5.78
N ARG A 153 9.58 34.31 -5.63
CA ARG A 153 10.50 33.33 -6.14
C ARG A 153 10.95 32.29 -5.10
N PHE A 154 10.57 32.50 -3.85
CA PHE A 154 10.99 31.59 -2.78
C PHE A 154 9.90 30.81 -2.04
N GLY A 155 8.90 31.50 -1.52
CA GLY A 155 7.96 30.83 -0.62
C GLY A 155 6.89 29.93 -1.21
N GLY A 156 6.51 30.17 -2.46
CA GLY A 156 5.21 29.78 -2.99
C GLY A 156 4.84 28.31 -3.05
N TYR A 157 3.80 27.98 -2.55
CA TYR A 157 3.14 26.69 -2.80
C TYR A 157 1.64 26.88 -2.99
N ASP A 158 1.05 25.96 -3.74
CA ASP A 158 -0.39 25.96 -4.03
C ASP A 158 -0.95 27.36 -4.27
N GLY A 159 -0.65 28.01 -5.35
CA GLY A 159 -1.19 29.30 -5.75
C GLY A 159 -0.78 30.51 -4.93
N LYS A 160 -0.26 30.27 -3.71
CA LYS A 160 0.14 31.38 -2.82
C LYS A 160 1.30 32.20 -3.39
N GLY A 161 1.28 33.50 -3.09
CA GLY A 161 2.38 34.40 -3.43
C GLY A 161 2.40 34.80 -4.89
N GLN A 162 1.22 34.80 -5.49
CA GLN A 162 1.06 35.18 -6.90
C GLN A 162 0.01 36.29 -7.04
N VAL A 163 0.25 37.23 -7.96
CA VAL A 163 -0.71 38.28 -8.28
C VAL A 163 -0.92 38.35 -9.78
N LEU A 164 -2.14 38.13 -10.22
CA LEU A 164 -2.43 38.18 -11.64
C LEU A 164 -2.67 39.61 -12.04
N ILE A 165 -1.94 40.07 -13.05
CA ILE A 165 -2.03 41.45 -13.50
C ILE A 165 -2.62 41.57 -14.90
N ASN A 166 -3.93 41.79 -14.96
CA ASN A 166 -4.66 41.91 -16.21
C ASN A 166 -4.54 43.29 -16.85
N ASN A 167 -4.90 44.33 -16.11
CA ASN A 167 -4.78 45.74 -16.57
C ASN A 167 -3.98 46.56 -15.55
N GLU A 168 -3.74 47.84 -15.83
CA GLU A 168 -2.90 48.67 -14.93
C GLU A 168 -3.58 48.98 -13.58
N LYS A 169 -4.86 48.65 -13.46
CA LYS A 169 -5.60 48.74 -12.20
C LYS A 169 -5.33 47.54 -11.30
N ASP A 170 -4.39 46.69 -11.73
CA ASP A 170 -3.89 45.57 -10.91
C ASP A 170 -2.47 45.83 -10.38
N LEU A 171 -1.72 46.72 -11.04
CA LEU A 171 -0.34 47.02 -10.63
C LEU A 171 -0.23 47.32 -9.14
N GLN A 172 -1.22 48.03 -8.59
CA GLN A 172 -1.31 48.29 -7.14
C GLN A 172 -1.09 47.06 -6.26
N GLU A 173 -1.87 46.00 -6.52
CA GLU A 173 -1.73 44.75 -5.79
C GLU A 173 -0.36 44.06 -5.98
N GLY A 174 0.24 44.25 -7.15
CA GLY A 174 1.57 43.71 -7.46
C GLY A 174 2.72 44.36 -6.70
N PHE A 175 2.77 45.69 -6.70
CA PHE A 175 3.79 46.45 -5.94
C PHE A 175 3.81 45.95 -4.49
N LYS A 176 2.60 45.73 -3.96
CA LYS A 176 2.38 45.28 -2.58
C LYS A 176 3.03 43.91 -2.28
N LEU A 177 3.24 43.10 -3.32
CA LEU A 177 3.92 41.82 -3.15
C LEU A 177 5.45 41.97 -3.33
N ILE A 178 5.85 42.82 -4.27
CA ILE A 178 7.24 43.03 -4.61
C ILE A 178 7.99 43.81 -3.52
N GLU A 179 7.27 44.67 -2.80
CA GLU A 179 7.83 45.39 -1.65
C GLU A 179 8.23 44.47 -0.49
N THR A 180 7.75 43.21 -0.53
CA THR A 180 8.04 42.25 0.54
C THR A 180 8.87 41.05 0.11
N SER A 181 9.03 40.82 -1.19
CA SER A 181 9.75 39.65 -1.67
C SER A 181 10.19 39.81 -3.12
N GLU A 182 11.41 39.37 -3.42
CA GLU A 182 11.93 39.33 -4.78
C GLU A 182 11.03 38.42 -5.60
N CYS A 183 10.65 38.88 -6.80
CA CYS A 183 9.67 38.17 -7.59
C CYS A 183 10.10 37.84 -9.01
N VAL A 184 9.28 37.06 -9.71
CA VAL A 184 9.42 36.86 -11.14
C VAL A 184 8.11 37.17 -11.82
N ALA A 185 8.17 37.74 -13.02
CA ALA A 185 6.98 37.88 -13.87
C ALA A 185 7.08 37.03 -15.16
N GLU A 186 5.92 36.57 -15.66
CA GLU A 186 5.86 35.71 -16.84
C GLU A 186 4.51 35.94 -17.53
N LYS A 187 4.46 35.73 -18.83
CA LYS A 187 3.20 35.90 -19.57
C LYS A 187 2.04 35.08 -18.99
N TYR A 188 0.88 35.74 -18.81
CA TYR A 188 -0.34 34.97 -18.48
C TYR A 188 -0.96 34.43 -19.78
N LEU A 189 -0.90 33.10 -19.91
CA LEU A 189 -1.32 32.38 -21.10
C LEU A 189 -2.79 32.05 -21.06
N ASN A 190 -3.33 31.80 -22.25
CA ASN A 190 -4.67 31.24 -22.37
C ASN A 190 -4.57 29.71 -22.46
N ILE A 191 -4.60 29.06 -21.30
CA ILE A 191 -4.34 27.62 -21.17
C ILE A 191 -5.61 26.78 -21.33
N LYS A 192 -5.57 25.76 -22.19
CA LYS A 192 -6.76 24.89 -22.32
C LYS A 192 -6.66 23.61 -21.47
N LYS A 193 -5.45 23.08 -21.31
CA LYS A 193 -5.23 21.93 -20.44
C LYS A 193 -3.90 22.06 -19.73
N GLU A 194 -3.85 21.54 -18.50
CA GLU A 194 -2.57 21.29 -17.83
C GLU A 194 -2.29 19.81 -17.67
N VAL A 195 -1.05 19.42 -17.92
CA VAL A 195 -0.66 18.04 -17.74
C VAL A 195 0.63 17.98 -16.96
N SER A 196 0.96 16.79 -16.49
CA SER A 196 2.25 16.57 -15.83
C SER A 196 2.74 15.17 -16.14
N LEU A 197 4.04 14.99 -15.98
CA LEU A 197 4.70 13.74 -16.30
C LEU A 197 5.54 13.39 -15.07
N THR A 198 5.19 12.30 -14.42
CA THR A 198 5.95 11.82 -13.26
C THR A 198 7.02 10.82 -13.76
N VAL A 199 8.24 10.92 -13.24
CA VAL A 199 9.38 10.21 -13.77
C VAL A 199 10.22 9.66 -12.64
N THR A 200 10.92 8.56 -12.89
CA THR A 200 11.85 8.08 -11.86
C THR A 200 13.17 7.78 -12.52
N ARG A 201 14.24 8.23 -11.90
CA ARG A 201 15.58 8.00 -12.45
C ARG A 201 16.37 7.26 -11.40
N GLY A 202 17.10 6.24 -11.80
CA GLY A 202 17.81 5.46 -10.81
C GLY A 202 19.24 5.18 -11.22
N ASN A 203 19.80 4.16 -10.62
CA ASN A 203 21.15 3.71 -10.86
C ASN A 203 21.52 3.53 -12.32
N ASN A 204 22.78 3.79 -12.65
CA ASN A 204 23.31 3.61 -13.99
C ASN A 204 22.39 4.14 -15.10
N ASN A 205 21.93 5.37 -14.92
CA ASN A 205 21.11 6.06 -15.93
C ASN A 205 19.72 5.48 -16.19
N GLN A 206 19.25 4.53 -15.40
CA GLN A 206 17.91 4.04 -15.59
C GLN A 206 16.83 5.14 -15.44
N ILE A 207 15.79 5.06 -16.25
CA ILE A 207 14.68 6.01 -16.21
C ILE A 207 13.35 5.33 -16.56
N THR A 208 12.25 5.78 -15.95
CA THR A 208 10.91 5.24 -16.18
C THR A 208 9.90 6.36 -16.10
N PHE A 209 8.86 6.26 -16.93
CA PHE A 209 7.84 7.28 -17.05
C PHE A 209 6.48 6.68 -16.68
N PHE A 210 5.77 7.35 -15.80
CA PHE A 210 4.38 7.03 -15.51
C PHE A 210 3.50 7.58 -16.64
N PRO A 211 2.27 7.09 -16.74
CA PRO A 211 1.30 7.65 -17.72
C PRO A 211 1.12 9.16 -17.54
N LEU A 212 1.03 9.89 -18.65
CA LEU A 212 0.74 11.33 -18.63
C LEU A 212 -0.55 11.58 -17.89
N GLN A 213 -0.56 12.58 -17.03
CA GLN A 213 -1.71 12.84 -16.21
C GLN A 213 -2.25 14.24 -16.49
N GLU A 214 -3.58 14.37 -16.41
CA GLU A 214 -4.25 15.61 -16.75
C GLU A 214 -4.80 16.25 -15.46
N ASN A 215 -4.53 17.54 -15.29
CA ASN A 215 -4.67 18.21 -14.02
C ASN A 215 -5.53 19.48 -14.11
N GLU A 216 -6.60 19.48 -13.32
CA GLU A 216 -7.41 20.65 -13.17
C GLU A 216 -7.11 21.22 -11.81
N HIS A 217 -6.95 22.53 -11.76
CA HIS A 217 -6.76 23.25 -10.49
C HIS A 217 -8.02 24.04 -10.14
N ARG A 218 -8.22 24.28 -8.85
CA ARG A 218 -9.28 25.14 -8.38
C ARG A 218 -8.70 26.06 -7.32
N ASN A 219 -8.82 27.37 -7.57
CA ASN A 219 -8.18 28.38 -6.73
C ASN A 219 -6.68 28.12 -6.65
N GLN A 220 -6.14 27.65 -7.77
CA GLN A 220 -4.70 27.45 -7.95
C GLN A 220 -4.12 26.28 -7.17
N ILE A 221 -5.02 25.49 -6.58
CA ILE A 221 -4.68 24.25 -5.86
C ILE A 221 -5.12 23.07 -6.69
N LEU A 222 -4.26 22.05 -6.81
CA LEU A 222 -4.64 20.85 -7.56
C LEU A 222 -5.97 20.32 -7.04
N PHE A 223 -6.89 20.02 -7.96
CA PHE A 223 -8.26 19.66 -7.62
C PHE A 223 -8.55 18.27 -8.13
N LYS A 224 -8.18 18.01 -9.39
CA LYS A 224 -8.56 16.80 -10.09
C LYS A 224 -7.45 16.36 -11.03
N THR A 225 -7.09 15.08 -10.99
CA THR A 225 -6.13 14.49 -11.94
C THR A 225 -6.80 13.34 -12.62
N ILE A 226 -6.75 13.33 -13.95
CA ILE A 226 -7.33 12.25 -14.76
C ILE A 226 -6.26 11.53 -15.53
N VAL A 227 -6.30 10.22 -15.52
CA VAL A 227 -5.32 9.43 -16.21
C VAL A 227 -6.07 8.33 -16.92
N PRO A 228 -5.79 8.12 -18.22
CA PRO A 228 -4.76 8.82 -18.99
C PRO A 228 -5.22 10.20 -19.43
N ALA A 229 -4.29 11.14 -19.51
CA ALA A 229 -4.60 12.50 -19.98
C ALA A 229 -5.33 12.44 -21.35
N ARG A 230 -6.47 13.11 -21.45
CA ARG A 230 -7.28 13.12 -22.68
C ARG A 230 -6.70 13.95 -23.85
N ILE A 231 -5.46 14.39 -23.74
CA ILE A 231 -4.76 15.04 -24.82
C ILE A 231 -3.38 14.39 -25.03
N ASP A 232 -3.04 14.10 -26.28
CA ASP A 232 -1.82 13.35 -26.58
C ASP A 232 -0.60 14.24 -26.59
N LYS A 233 0.14 14.25 -25.49
CA LYS A 233 1.36 15.05 -25.39
C LYS A 233 2.54 14.26 -24.83
N THR A 234 2.33 12.95 -24.61
CA THR A 234 3.37 12.09 -23.99
C THR A 234 4.74 12.25 -24.67
N ALA A 235 4.78 12.02 -25.97
CA ALA A 235 6.03 12.09 -26.69
C ALA A 235 6.71 13.47 -26.55
N GLU A 236 5.94 14.55 -26.72
CA GLU A 236 6.55 15.88 -26.61
C GLU A 236 6.99 16.17 -25.15
N ALA A 237 6.18 15.70 -24.20
CA ALA A 237 6.53 15.79 -22.80
C ALA A 237 7.83 15.04 -22.50
N LYS A 238 8.02 13.89 -23.12
CA LYS A 238 9.26 13.16 -22.86
C LYS A 238 10.48 13.90 -23.41
N GLU A 239 10.31 14.51 -24.59
CA GLU A 239 11.39 15.25 -25.22
C GLU A 239 11.86 16.35 -24.29
N GLN A 240 10.90 17.04 -23.63
CA GLN A 240 11.29 18.10 -22.73
C GLN A 240 12.04 17.55 -21.53
N VAL A 241 11.58 16.40 -21.00
CA VAL A 241 12.26 15.77 -19.87
C VAL A 241 13.69 15.39 -20.21
N ASN A 242 13.87 14.75 -21.35
CA ASN A 242 15.21 14.46 -21.83
C ASN A 242 16.10 15.66 -21.91
N LYS A 243 15.56 16.83 -22.26
CA LYS A 243 16.38 18.06 -22.24
C LYS A 243 16.70 18.43 -20.79
N ILE A 244 15.70 18.34 -19.91
CA ILE A 244 15.86 18.80 -18.55
C ILE A 244 16.91 18.01 -17.80
N ILE A 245 16.94 16.72 -18.09
CA ILE A 245 17.84 15.75 -17.46
C ILE A 245 19.32 15.92 -17.83
N GLN A 246 19.61 16.60 -18.92
CA GLN A 246 21.02 16.94 -19.22
C GLN A 246 21.53 18.14 -18.44
N SER A 247 20.64 18.86 -17.78
CA SER A 247 21.06 20.06 -17.08
C SER A 247 20.95 19.97 -15.57
N ILE A 248 20.12 19.03 -15.06
CA ILE A 248 19.85 18.88 -13.63
C ILE A 248 19.88 17.42 -13.27
N HIS A 249 20.62 17.08 -12.24
CA HIS A 249 20.72 15.70 -11.82
C HIS A 249 19.48 15.30 -11.00
N PHE A 250 18.75 14.30 -11.49
CA PHE A 250 17.66 13.68 -10.73
C PHE A 250 17.91 12.23 -10.43
N ILE A 251 17.74 11.84 -9.17
CA ILE A 251 17.56 10.43 -8.78
C ILE A 251 16.25 10.35 -7.98
N GLY A 252 15.57 9.20 -8.06
CA GLY A 252 14.25 9.00 -7.49
C GLY A 252 13.15 9.63 -8.36
N THR A 253 12.00 9.87 -7.76
CA THR A 253 10.87 10.40 -8.53
C THR A 253 10.92 11.93 -8.58
N PHE A 254 10.66 12.48 -9.76
CA PHE A 254 10.42 13.95 -9.88
C PHE A 254 9.26 14.14 -10.84
N THR A 255 8.68 15.32 -10.85
CA THR A 255 7.52 15.57 -11.69
C THR A 255 7.66 16.91 -12.43
N VAL A 256 7.37 16.90 -13.73
CA VAL A 256 7.39 18.12 -14.55
C VAL A 256 5.94 18.48 -14.86
N GLU A 257 5.57 19.71 -14.52
CA GLU A 257 4.26 20.30 -14.85
C GLU A 257 4.32 21.10 -16.14
N PHE A 258 3.32 20.94 -17.00
CA PHE A 258 3.28 21.61 -18.30
C PHE A 258 1.98 22.38 -18.52
N PHE A 259 2.06 23.44 -19.33
CA PHE A 259 0.89 24.11 -19.84
C PHE A 259 0.67 23.75 -21.30
N ILE A 260 -0.58 23.57 -21.69
CA ILE A 260 -0.87 23.60 -23.12
C ILE A 260 -1.78 24.80 -23.51
N ASP A 261 -1.31 25.60 -24.48
CA ASP A 261 -2.02 26.76 -25.09
C ASP A 261 -3.46 26.58 -25.49
N SER A 262 -4.13 27.71 -25.75
CA SER A 262 -5.35 27.72 -26.57
C SER A 262 -5.05 27.18 -27.98
N ASN A 263 -3.78 27.27 -28.36
CA ASN A 263 -3.29 26.80 -29.66
C ASN A 263 -2.52 25.48 -29.65
N ASN A 264 -2.73 24.68 -28.60
CA ASN A 264 -2.12 23.35 -28.46
C ASN A 264 -0.59 23.36 -28.30
N GLN A 265 -0.04 24.51 -27.92
CA GLN A 265 1.39 24.65 -27.67
C GLN A 265 1.82 24.25 -26.23
N LEU A 266 2.88 23.43 -26.14
CA LEU A 266 3.38 22.90 -24.87
C LEU A 266 4.44 23.80 -24.27
N TYR A 267 4.25 24.20 -23.03
CA TYR A 267 5.33 24.84 -22.26
C TYR A 267 5.60 24.06 -20.96
N VAL A 268 6.87 23.99 -20.58
CA VAL A 268 7.22 23.55 -19.24
C VAL A 268 6.88 24.68 -18.27
N ASN A 269 6.09 24.37 -17.24
CA ASN A 269 5.82 25.30 -16.15
C ASN A 269 6.85 25.24 -15.01
N GLU A 270 6.91 24.10 -14.32
CA GLU A 270 7.81 23.96 -13.18
C GLU A 270 8.14 22.49 -12.93
N ILE A 271 9.20 22.24 -12.15
CA ILE A 271 9.60 20.88 -11.79
C ILE A 271 9.66 20.70 -10.25
N ALA A 272 9.05 19.61 -9.76
CA ALA A 272 9.09 19.19 -8.37
C ALA A 272 10.04 18.01 -8.26
N PRO A 273 11.14 18.17 -7.50
CA PRO A 273 12.17 17.13 -7.35
C PRO A 273 11.70 16.11 -6.27
N ARG A 274 10.48 15.63 -6.44
CA ARG A 274 9.90 14.71 -5.46
C ARG A 274 8.72 14.03 -6.10
N PRO A 275 8.16 13.00 -5.43
CA PRO A 275 6.80 12.60 -5.79
C PRO A 275 5.90 13.82 -5.72
N HIS A 276 4.79 13.81 -6.44
CA HIS A 276 4.00 15.02 -6.61
C HIS A 276 2.54 14.65 -6.47
N ASN A 277 1.73 15.60 -5.98
CA ASN A 277 0.29 15.39 -5.75
C ASN A 277 -0.40 14.75 -6.97
N SER A 278 0.07 15.08 -8.18
CA SER A 278 -0.63 14.57 -9.36
C SER A 278 -0.28 13.11 -9.64
N GLY A 279 0.55 12.52 -8.79
CA GLY A 279 0.97 11.12 -9.01
C GLY A 279 0.33 10.14 -8.05
N HIS A 280 -0.49 10.64 -7.13
CA HIS A 280 -1.03 9.76 -6.08
C HIS A 280 -1.89 8.63 -6.60
N TYR A 281 -2.54 8.86 -7.77
CA TYR A 281 -3.46 7.88 -8.36
C TYR A 281 -2.72 6.55 -8.62
N SER A 282 -1.39 6.63 -8.84
CA SER A 282 -0.61 5.46 -9.28
C SER A 282 -0.59 4.37 -8.20
N ILE A 283 -0.93 4.76 -6.99
CA ILE A 283 -1.03 3.73 -5.93
C ILE A 283 -2.09 2.72 -6.31
N GLU A 284 -3.27 3.15 -6.69
CA GLU A 284 -4.31 2.16 -7.03
C GLU A 284 -4.28 1.71 -8.50
N ALA A 285 -3.87 2.62 -9.39
CA ALA A 285 -4.12 2.44 -10.84
C ALA A 285 -2.98 1.80 -11.63
N CYS A 286 -1.78 1.77 -11.06
CA CYS A 286 -0.57 1.30 -11.82
C CYS A 286 -0.01 0.07 -11.17
N ASP A 287 0.87 -0.62 -11.87
CA ASP A 287 1.48 -1.81 -11.29
C ASP A 287 2.62 -1.44 -10.34
N TYR A 288 3.04 -0.16 -10.39
CA TYR A 288 4.01 0.40 -9.44
C TYR A 288 3.50 1.80 -9.11
N SER A 289 3.71 2.28 -7.88
CA SER A 289 3.34 3.66 -7.58
C SER A 289 4.57 4.54 -7.62
N GLN A 290 4.37 5.84 -7.59
CA GLN A 290 5.50 6.76 -7.69
C GLN A 290 6.37 6.68 -6.44
N PHE A 291 5.78 6.19 -5.36
CA PHE A 291 6.56 5.95 -4.11
C PHE A 291 7.36 4.65 -4.17
N ASP A 292 6.78 3.58 -4.75
CA ASP A 292 7.54 2.34 -4.89
C ASP A 292 8.79 2.63 -5.71
N THR A 293 8.64 3.21 -6.89
CA THR A 293 9.81 3.48 -7.72
C THR A 293 10.76 4.50 -7.02
N HIS A 294 10.25 5.38 -6.19
CA HIS A 294 11.14 6.30 -5.51
C HIS A 294 12.11 5.53 -4.63
N ILE A 295 11.58 4.56 -3.87
CA ILE A 295 12.41 3.74 -2.97
C ILE A 295 13.36 2.85 -3.76
N LEU A 296 12.85 2.28 -4.85
CA LEU A 296 13.69 1.42 -5.68
C LEU A 296 14.90 2.20 -6.17
N ALA A 297 14.63 3.41 -6.66
CA ALA A 297 15.65 4.32 -7.22
C ALA A 297 16.71 4.69 -6.20
N VAL A 298 16.22 5.22 -5.10
CA VAL A 298 17.06 5.78 -4.06
C VAL A 298 17.89 4.70 -3.39
N THR A 299 17.38 3.45 -3.33
CA THR A 299 18.14 2.36 -2.71
C THR A 299 19.01 1.67 -3.77
N GLY A 300 18.98 2.22 -4.99
CA GLY A 300 19.90 1.79 -6.05
C GLY A 300 19.50 0.48 -6.74
N GLN A 301 18.21 0.10 -6.68
CA GLN A 301 17.71 -1.10 -7.33
C GLN A 301 17.41 -0.84 -8.80
N SER A 302 17.22 -1.88 -9.59
CA SER A 302 16.68 -1.71 -10.95
C SER A 302 15.25 -1.22 -10.92
N LEU A 303 14.91 -0.39 -11.92
CA LEU A 303 13.59 0.20 -12.05
C LEU A 303 12.89 -0.59 -13.12
N PRO A 304 11.54 -0.70 -13.05
CA PRO A 304 10.87 -1.34 -14.18
C PRO A 304 11.06 -0.47 -15.42
N ASN A 305 11.14 -1.08 -16.59
CA ASN A 305 11.34 -0.33 -17.82
C ASN A 305 10.11 0.45 -18.22
N SER A 306 8.93 -0.06 -17.90
CA SER A 306 7.72 0.71 -18.16
C SER A 306 6.74 0.59 -17.02
N ILE A 307 5.81 1.53 -16.96
CA ILE A 307 4.73 1.46 -15.99
C ILE A 307 3.39 1.22 -16.68
N GLU A 308 2.59 0.32 -16.14
CA GLU A 308 1.32 -0.02 -16.80
C GLU A 308 0.21 0.65 -16.06
N LEU A 309 -0.68 1.30 -16.79
CA LEU A 309 -1.95 1.73 -16.20
C LEU A 309 -2.94 0.55 -16.26
N LEU A 310 -3.20 -0.08 -15.12
CA LEU A 310 -4.12 -1.26 -15.02
C LEU A 310 -5.60 -0.84 -15.17
N LYS A 311 -5.94 0.35 -14.70
CA LYS A 311 -7.26 0.89 -14.91
C LYS A 311 -7.19 2.42 -14.86
N PRO A 312 -7.99 3.11 -15.72
CA PRO A 312 -7.94 4.56 -15.76
C PRO A 312 -8.49 5.09 -14.46
N ALA A 313 -8.27 6.38 -14.17
CA ALA A 313 -8.51 6.89 -12.83
C ALA A 313 -8.78 8.37 -12.76
N VAL A 314 -9.54 8.75 -11.76
CA VAL A 314 -9.88 10.13 -11.52
C VAL A 314 -9.58 10.37 -10.07
N ASN A 317 -8.31 15.71 -4.85
CA ASN A 317 -7.75 16.10 -3.56
C ASN A 317 -8.87 16.25 -2.55
N LEU A 318 -8.55 16.09 -1.27
CA LEU A 318 -9.52 16.44 -0.21
C LEU A 318 -8.97 17.52 0.69
N LEU A 319 -9.28 18.78 0.37
CA LEU A 319 -9.00 19.89 1.31
C LEU A 319 -9.88 19.80 2.54
N GLY A 320 -9.55 20.52 3.61
CA GLY A 320 -10.40 20.55 4.81
C GLY A 320 -11.88 20.79 4.50
N LYS A 321 -12.15 21.67 3.54
CA LYS A 321 -13.51 22.05 3.20
C LYS A 321 -14.21 20.93 2.46
N ASP A 322 -13.44 20.12 1.73
CA ASP A 322 -14.01 18.97 1.05
C ASP A 322 -14.49 17.92 2.09
N LEU A 323 -13.69 17.72 3.15
CA LEU A 323 -14.12 16.87 4.28
C LEU A 323 -15.39 17.41 4.92
N ASP A 324 -15.48 18.72 5.12
CA ASP A 324 -16.70 19.31 5.72
C ASP A 324 -17.94 18.89 4.96
N LEU A 325 -17.91 19.14 3.64
CA LEU A 325 -18.89 18.70 2.66
C LEU A 325 -19.15 17.18 2.59
N LEU A 326 -18.08 16.37 2.57
CA LEU A 326 -18.25 14.98 2.09
C LEU A 326 -18.09 13.84 3.11
N GLU A 327 -17.50 14.13 4.27
CA GLU A 327 -17.03 13.04 5.13
C GLU A 327 -18.15 12.09 5.57
N ASN A 328 -19.40 12.55 5.55
CA ASN A 328 -20.49 11.69 6.02
C ASN A 328 -20.99 10.76 4.93
N GLU A 329 -20.56 11.01 3.70
CA GLU A 329 -20.83 10.16 2.56
C GLU A 329 -19.75 9.08 2.35
N PHE A 330 -18.61 9.20 3.04
CA PHE A 330 -17.47 8.33 2.73
C PHE A 330 -17.82 6.87 2.85
N ASN A 331 -18.63 6.53 3.84
CA ASN A 331 -18.80 5.16 4.26
C ASN A 331 -19.62 4.36 3.27
N GLU A 332 -20.34 5.07 2.39
CA GLU A 332 -21.19 4.37 1.41
C GLU A 332 -20.53 4.31 0.03
N HIS A 333 -19.25 4.70 -0.03
CA HIS A 333 -18.54 4.83 -1.28
C HIS A 333 -17.16 4.22 -1.26
N PRO A 334 -17.09 2.88 -1.13
CA PRO A 334 -15.85 2.16 -1.12
C PRO A 334 -15.07 2.39 -2.43
N GLU A 335 -15.76 2.74 -3.52
CA GLU A 335 -15.13 2.99 -4.82
C GLU A 335 -14.37 4.32 -4.84
N TRP A 336 -14.39 5.05 -3.73
CA TRP A 336 -13.57 6.25 -3.64
C TRP A 336 -12.11 6.00 -3.17
N HIS A 337 -11.81 4.80 -2.68
CA HIS A 337 -10.44 4.45 -2.22
C HIS A 337 -9.84 5.63 -1.47
N LEU A 338 -10.37 5.85 -0.28
CA LEU A 338 -10.04 7.05 0.44
C LEU A 338 -8.70 6.95 1.13
N HIS A 339 -7.89 8.01 0.98
CA HIS A 339 -6.63 8.20 1.75
C HIS A 339 -6.82 9.38 2.70
N ILE A 340 -6.66 9.16 4.00
CA ILE A 340 -6.80 10.28 4.94
C ILE A 340 -5.48 10.36 5.63
N TYR A 341 -4.83 11.52 5.51
CA TYR A 341 -3.42 11.60 5.90
C TYR A 341 -3.23 11.48 7.38
N GLY A 342 -4.21 11.93 8.15
CA GLY A 342 -4.12 11.85 9.61
C GLY A 342 -3.65 13.16 10.28
N LYS A 343 -3.70 14.28 9.54
CA LYS A 343 -3.32 15.56 10.11
C LYS A 343 -4.34 15.98 11.22
N SER A 344 -3.86 16.46 12.36
CA SER A 344 -4.82 16.71 13.48
C SER A 344 -5.58 18.04 13.39
N GLU A 345 -5.06 19.01 12.65
CA GLU A 345 -5.72 20.31 12.53
C GLU A 345 -6.35 20.55 11.17
N ARG A 346 -7.67 20.41 11.09
CA ARG A 346 -8.35 20.67 9.82
C ARG A 346 -8.45 22.18 9.46
N LYS A 347 -8.01 22.57 8.26
CA LYS A 347 -8.22 23.92 7.74
C LYS A 347 -8.76 23.82 6.33
N ASP A 348 -9.49 24.84 5.91
CA ASP A 348 -10.33 24.79 4.71
C ASP A 348 -9.57 24.42 3.45
N SER A 349 -8.31 24.83 3.37
CA SER A 349 -7.52 24.67 2.16
C SER A 349 -6.35 23.71 2.37
N ARG A 350 -6.23 23.17 3.58
CA ARG A 350 -5.17 22.22 3.86
C ARG A 350 -5.52 20.88 3.16
N LYS A 351 -4.52 20.23 2.59
CA LYS A 351 -4.72 18.95 1.92
C LYS A 351 -4.78 17.92 3.01
N GLY A 353 -6.29 14.75 2.60
CA GLY A 353 -6.32 13.39 2.06
C GLY A 353 -6.60 13.48 0.57
N HIS A 354 -6.86 12.32 -0.05
CA HIS A 354 -7.32 12.29 -1.43
C HIS A 354 -8.14 11.01 -1.66
N THR A 356 -9.21 8.21 -4.89
CA THR A 356 -8.90 7.76 -6.23
C THR A 356 -10.00 6.83 -6.67
N VAL A 357 -10.64 7.22 -7.76
CA VAL A 357 -11.75 6.49 -8.31
C VAL A 357 -11.29 5.77 -9.57
N LEU A 358 -11.20 4.47 -9.51
CA LEU A 358 -10.85 3.70 -10.70
C LEU A 358 -12.08 3.63 -11.55
N THR A 359 -11.92 3.82 -12.86
CA THR A 359 -13.10 3.91 -13.73
C THR A 359 -12.80 3.47 -15.17
N ASN A 360 -13.77 2.84 -15.83
CA ASN A 360 -13.63 2.63 -17.27
C ASN A 360 -14.20 3.78 -18.10
N ASP A 361 -14.95 4.65 -17.44
CA ASP A 361 -15.55 5.76 -18.14
C ASP A 361 -15.18 7.05 -17.44
N VAL A 362 -13.98 7.53 -17.76
CA VAL A 362 -13.41 8.72 -17.14
C VAL A 362 -14.31 9.94 -17.31
N ASN A 363 -14.83 10.15 -18.51
CA ASN A 363 -15.63 11.35 -18.76
C ASN A 363 -16.89 11.41 -17.90
N GLN A 364 -17.52 10.27 -17.71
CA GLN A 364 -18.65 10.16 -16.81
C GLN A 364 -18.24 10.37 -15.35
N THR A 365 -17.25 9.59 -14.89
CA THR A 365 -16.73 9.77 -13.54
C THR A 365 -16.40 11.24 -13.28
N GLU A 366 -15.79 11.90 -14.27
CA GLU A 366 -15.47 13.33 -14.13
C GLU A 366 -16.73 14.14 -13.81
N GLN A 367 -17.82 13.86 -14.53
CA GLN A 367 -19.10 14.54 -14.29
C GLN A 367 -19.57 14.28 -12.87
N ASP A 368 -19.59 12.99 -12.50
CA ASP A 368 -19.98 12.54 -11.17
C ASP A 368 -19.32 13.35 -10.07
N TYR A 370 -17.77 16.39 -10.44
CA TYR A 370 -18.11 17.82 -10.50
C TYR A 370 -19.34 18.09 -9.65
N ALA A 371 -20.36 17.24 -9.84
CA ALA A 371 -21.58 17.34 -9.08
C ALA A 371 -21.32 17.10 -7.59
N LYS A 372 -20.39 16.20 -7.28
CA LYS A 372 -20.14 15.88 -5.87
C LYS A 372 -19.42 17.00 -5.12
N PHE A 373 -18.46 17.65 -5.77
CA PHE A 373 -17.66 18.70 -5.11
C PHE A 373 -18.29 20.09 -5.20
N GLU A 374 -19.52 20.15 -5.73
CA GLU A 374 -20.37 21.37 -5.89
C GLU A 374 -20.19 21.94 -7.27
N PHE B 6 -24.03 -2.17 15.98
CA PHE B 6 -22.74 -2.33 15.23
C PHE B 6 -22.05 -1.00 14.81
N ASN B 7 -21.17 -0.52 15.66
CA ASN B 7 -20.43 0.70 15.45
C ASN B 7 -19.89 0.97 14.06
N LYS B 8 -20.45 1.98 13.41
CA LYS B 8 -19.85 2.54 12.21
C LYS B 8 -18.82 3.57 12.65
N LEU B 9 -17.54 3.36 12.30
CA LEU B 9 -16.43 4.21 12.74
C LEU B 9 -15.84 5.04 11.62
N LYS B 10 -15.57 6.30 11.88
CA LYS B 10 -14.98 7.20 10.88
C LYS B 10 -13.46 7.33 11.03
N PHE B 11 -12.78 7.85 10.01
CA PHE B 11 -11.35 8.05 10.14
C PHE B 11 -11.06 8.82 11.44
N GLY B 12 -9.88 8.56 12.03
CA GLY B 12 -9.49 9.11 13.31
C GLY B 12 -9.82 8.22 14.49
N ALA B 13 -10.60 7.18 14.27
CA ALA B 13 -10.84 6.16 15.32
C ALA B 13 -9.65 5.21 15.41
N THR B 14 -9.58 4.45 16.49
CA THR B 14 -8.44 3.64 16.84
C THR B 14 -8.76 2.14 16.69
N ILE B 15 -7.91 1.43 15.98
CA ILE B 15 -8.12 0.01 15.72
C ILE B 15 -7.05 -0.72 16.44
N GLY B 16 -7.47 -1.68 17.27
CA GLY B 16 -6.53 -2.57 17.95
C GLY B 16 -6.38 -3.89 17.20
N ILE B 17 -5.14 -4.35 17.13
CA ILE B 17 -4.84 -5.61 16.50
C ILE B 17 -4.16 -6.51 17.52
N ILE B 18 -4.72 -7.70 17.71
CA ILE B 18 -4.11 -8.75 18.58
C ILE B 18 -3.24 -9.58 17.69
N GLY B 19 -1.92 -9.47 17.90
CA GLY B 19 -0.91 -10.13 17.06
C GLY B 19 -0.20 -9.18 16.11
N GLY B 20 1.13 -9.15 16.15
CA GLY B 20 1.86 -8.19 15.33
C GLY B 20 2.74 -8.79 14.26
N GLY B 21 2.30 -9.92 13.69
CA GLY B 21 3.08 -10.55 12.64
C GLY B 21 2.82 -9.87 11.29
N GLN B 22 3.15 -10.55 10.19
CA GLN B 22 3.03 -9.91 8.87
C GLN B 22 1.59 -9.58 8.52
N LEU B 23 0.64 -10.42 8.95
CA LEU B 23 -0.78 -10.13 8.72
C LEU B 23 -1.25 -8.90 9.42
N GLY B 24 -0.88 -8.73 10.69
CA GLY B 24 -1.26 -7.50 11.44
C GLY B 24 -0.52 -6.32 10.82
N LYS B 25 0.73 -6.49 10.38
CA LYS B 25 1.45 -5.37 9.76
C LYS B 25 0.68 -4.88 8.55
N ALA B 28 -2.34 -2.94 9.45
CA ALA B 28 -2.05 -1.63 10.03
C ALA B 28 -1.75 -0.65 8.92
N GLN B 29 -1.04 -1.11 7.88
CA GLN B 29 -0.68 -0.24 6.76
C GLN B 29 -1.90 0.29 6.02
N SER B 30 -2.90 -0.59 5.79
CA SER B 30 -4.19 -0.17 5.22
C SER B 30 -4.94 0.80 6.16
N ALA B 31 -4.97 0.46 7.44
CA ALA B 31 -5.65 1.28 8.46
C ALA B 31 -5.03 2.69 8.47
N GLN B 32 -3.70 2.76 8.50
CA GLN B 32 -3.06 4.06 8.51
C GLN B 32 -3.24 4.83 7.21
N LYS B 33 -3.17 4.11 6.09
CA LYS B 33 -3.48 4.71 4.81
C LYS B 33 -4.89 5.36 4.85
N GLY B 35 -6.52 6.47 7.50
CA GLY B 35 -6.68 7.52 8.51
C GLY B 35 -7.17 7.00 9.85
N TYR B 36 -6.98 5.72 10.11
CA TYR B 36 -7.26 5.14 11.40
C TYR B 36 -5.98 5.05 12.16
N LYS B 37 -6.08 5.17 13.49
CA LYS B 37 -4.93 4.91 14.38
C LYS B 37 -4.81 3.41 14.71
N VAL B 38 -3.60 2.95 15.00
CA VAL B 38 -3.40 1.54 15.22
C VAL B 38 -2.68 1.28 16.57
N VAL B 39 -3.28 0.44 17.39
CA VAL B 39 -2.61 -0.15 18.55
C VAL B 39 -2.42 -1.64 18.34
N VAL B 40 -1.19 -2.14 18.49
CA VAL B 40 -0.93 -3.56 18.27
C VAL B 40 -0.42 -4.20 19.55
N LEU B 41 -1.00 -5.35 19.88
CA LEU B 41 -0.50 -6.17 20.96
C LEU B 41 0.19 -7.43 20.46
N ASP B 42 1.32 -7.79 21.06
CA ASP B 42 2.13 -8.93 20.63
C ASP B 42 3.22 -9.08 21.67
N PRO B 43 3.64 -10.33 21.94
CA PRO B 43 4.68 -10.57 22.97
C PRO B 43 6.09 -10.23 22.54
N SER B 44 6.34 -10.09 21.23
CA SER B 44 7.71 -9.88 20.78
C SER B 44 7.96 -8.41 20.47
N GLU B 45 9.07 -7.86 20.99
CA GLU B 45 9.43 -6.49 20.64
C GLU B 45 9.94 -6.35 19.22
N ASP B 46 10.16 -7.48 18.55
CA ASP B 46 10.64 -7.47 17.19
C ASP B 46 9.50 -7.68 16.20
N CYS B 47 8.27 -7.70 16.67
CA CYS B 47 7.18 -8.02 15.77
C CYS B 47 7.17 -7.06 14.58
N PRO B 48 6.94 -7.58 13.39
CA PRO B 48 6.92 -6.76 12.21
C PRO B 48 5.91 -5.61 12.19
N CYS B 49 4.84 -5.71 12.97
CA CYS B 49 3.79 -4.69 12.94
C CYS B 49 4.18 -3.48 13.80
N ARG B 50 5.24 -3.62 14.59
CA ARG B 50 5.51 -2.62 15.63
C ARG B 50 5.57 -1.16 15.17
N TYR B 51 6.28 -0.90 14.09
CA TYR B 51 6.52 0.48 13.68
C TYR B 51 5.59 0.95 12.59
N VAL B 52 4.49 0.23 12.40
CA VAL B 52 3.38 0.85 11.69
C VAL B 52 2.17 0.96 12.60
N ALA B 53 2.40 1.12 13.90
CA ALA B 53 1.32 1.26 14.90
C ALA B 53 1.53 2.53 15.65
N HIS B 54 0.44 3.22 16.04
CA HIS B 54 0.55 4.43 16.82
C HIS B 54 1.04 4.07 18.22
N GLU B 55 0.65 2.89 18.69
CA GLU B 55 1.09 2.42 19.95
C GLU B 55 1.28 0.89 19.92
N PHE B 56 2.22 0.41 20.74
CA PHE B 56 2.60 -0.98 20.86
C PHE B 56 2.45 -1.43 22.34
N ILE B 57 1.73 -2.50 22.54
CA ILE B 57 1.53 -3.10 23.85
C ILE B 57 2.20 -4.46 23.82
N GLN B 58 3.23 -4.63 24.62
CA GLN B 58 4.01 -5.86 24.56
C GLN B 58 3.51 -6.78 25.66
N ALA B 59 2.88 -7.89 25.26
CA ALA B 59 2.24 -8.78 26.23
C ALA B 59 1.91 -10.11 25.56
N LYS B 60 1.79 -11.15 26.38
CA LYS B 60 1.28 -12.44 25.87
C LYS B 60 -0.18 -12.25 25.51
N TYR B 61 -0.65 -13.03 24.55
CA TYR B 61 -2.02 -13.00 24.10
C TYR B 61 -3.00 -13.54 25.19
N ASP B 62 -2.45 -14.03 26.29
CA ASP B 62 -3.25 -14.55 27.37
C ASP B 62 -3.29 -13.57 28.54
N ASP B 63 -2.45 -12.54 28.47
CA ASP B 63 -2.36 -11.51 29.51
C ASP B 63 -3.64 -10.68 29.49
N GLU B 64 -4.54 -11.01 30.43
CA GLU B 64 -5.87 -10.42 30.53
C GLU B 64 -5.88 -8.90 30.78
N LYS B 65 -4.86 -8.41 31.48
CA LYS B 65 -4.77 -6.98 31.80
C LYS B 65 -4.30 -6.19 30.57
N ALA B 66 -3.33 -6.73 29.84
CA ALA B 66 -2.90 -6.11 28.60
C ALA B 66 -4.07 -6.06 27.61
N LEU B 67 -4.81 -7.17 27.52
CA LEU B 67 -5.97 -7.21 26.64
C LEU B 67 -6.97 -6.12 26.99
N ASN B 68 -7.23 -5.96 28.30
CA ASN B 68 -8.08 -4.89 28.80
C ASN B 68 -7.56 -3.51 28.50
N GLN B 69 -6.25 -3.31 28.66
CA GLN B 69 -5.62 -2.08 28.18
C GLN B 69 -5.90 -1.86 26.68
N LEU B 70 -5.85 -2.90 25.87
CA LEU B 70 -6.04 -2.73 24.42
C LEU B 70 -7.48 -2.32 24.21
N GLY B 71 -8.39 -3.00 24.91
CA GLY B 71 -9.82 -2.71 24.77
C GLY B 71 -10.18 -1.26 25.13
N GLN B 72 -9.60 -0.76 26.22
CA GLN B 72 -9.81 0.60 26.72
C GLN B 72 -9.26 1.67 25.75
N LYS B 73 -8.17 1.35 25.08
CA LYS B 73 -7.60 2.27 24.06
C LYS B 73 -8.27 2.25 22.68
N CYS B 74 -9.15 1.29 22.38
CA CYS B 74 -9.53 1.08 20.98
C CYS B 74 -11.02 1.20 20.72
N ASP B 75 -11.39 1.66 19.52
CA ASP B 75 -12.80 1.69 19.14
C ASP B 75 -13.30 0.40 18.52
N VAL B 76 -12.39 -0.36 17.90
CA VAL B 76 -12.68 -1.72 17.45
C VAL B 76 -11.41 -2.58 17.59
N ILE B 77 -11.58 -3.87 17.87
CA ILE B 77 -10.47 -4.80 17.98
C ILE B 77 -10.63 -5.92 16.95
N THR B 78 -9.51 -6.31 16.34
CA THR B 78 -9.48 -7.43 15.43
C THR B 78 -8.30 -8.28 15.82
N TYR B 79 -8.33 -9.57 15.44
CA TYR B 79 -7.17 -10.46 15.61
C TYR B 79 -6.59 -10.80 14.26
N GLU B 80 -5.26 -10.89 14.14
CA GLU B 80 -4.63 -11.29 12.86
C GLU B 80 -4.47 -12.79 12.67
N PHE B 81 -4.64 -13.54 13.75
CA PHE B 81 -4.30 -14.98 13.76
C PHE B 81 -5.03 -15.65 14.95
N GLU B 82 -5.08 -16.98 14.95
CA GLU B 82 -5.72 -17.74 16.01
C GLU B 82 -4.86 -17.81 17.26
N ASN B 83 -4.57 -16.64 17.86
CA ASN B 83 -3.57 -16.50 18.93
C ASN B 83 -4.17 -16.49 20.36
N ILE B 84 -5.48 -16.45 20.45
CA ILE B 84 -6.14 -16.25 21.74
C ILE B 84 -7.18 -17.35 21.93
N SER B 85 -7.47 -17.69 23.18
CA SER B 85 -8.40 -18.77 23.47
C SER B 85 -9.85 -18.31 23.32
N ALA B 86 -10.71 -19.27 22.99
CA ALA B 86 -12.12 -19.02 22.73
C ALA B 86 -12.88 -18.44 23.91
N GLN B 87 -12.76 -19.04 25.08
CA GLN B 87 -13.39 -18.51 26.27
C GLN B 87 -12.90 -17.11 26.60
N GLN B 88 -11.59 -16.89 26.48
CA GLN B 88 -11.03 -15.56 26.76
C GLN B 88 -11.51 -14.50 25.74
N LEU B 89 -11.56 -14.87 24.46
CA LEU B 89 -12.08 -13.99 23.42
C LEU B 89 -13.54 -13.66 23.63
N LYS B 90 -14.33 -14.68 23.95
CA LYS B 90 -15.74 -14.50 24.27
C LYS B 90 -15.92 -13.39 25.31
N LEU B 91 -15.14 -13.41 26.39
CA LEU B 91 -15.24 -12.38 27.41
C LEU B 91 -14.91 -11.00 26.86
N LEU B 92 -13.84 -10.96 26.06
CA LEU B 92 -13.43 -9.74 25.40
C LEU B 92 -14.51 -9.18 24.44
N CYS B 93 -15.04 -10.03 23.55
CA CYS B 93 -16.22 -9.69 22.72
C CYS B 93 -17.45 -9.14 23.47
N GLU B 94 -17.61 -9.52 24.71
CA GLU B 94 -18.80 -9.09 25.44
C GLU B 94 -18.53 -7.78 26.11
N LYS B 95 -17.27 -7.51 26.43
CA LYS B 95 -16.92 -6.21 27.03
C LYS B 95 -16.51 -5.12 25.99
N TYR B 96 -15.83 -5.51 24.92
CA TYR B 96 -15.35 -4.57 23.90
C TYR B 96 -15.88 -4.86 22.50
N ASN B 97 -15.75 -3.90 21.60
CA ASN B 97 -16.23 -4.04 20.21
C ASN B 97 -15.30 -4.91 19.35
N ILE B 98 -15.65 -6.19 19.20
CA ILE B 98 -14.88 -7.11 18.40
C ILE B 98 -15.78 -7.84 17.40
N PRO B 99 -16.03 -7.21 16.24
CA PRO B 99 -16.94 -7.73 15.21
C PRO B 99 -16.69 -9.18 14.74
N GLN B 100 -15.44 -9.63 14.70
CA GLN B 100 -15.15 -11.00 14.29
C GLN B 100 -15.75 -12.05 15.25
N GLY B 101 -16.10 -11.61 16.46
CA GLY B 101 -16.67 -12.49 17.44
C GLY B 101 -15.72 -13.59 17.87
N TYR B 102 -16.25 -14.53 18.64
CA TYR B 102 -15.50 -15.66 19.13
C TYR B 102 -15.94 -16.96 18.49
N GLN B 103 -17.09 -16.94 17.81
CA GLN B 103 -17.70 -18.22 17.39
C GLN B 103 -16.81 -19.01 16.45
N ALA B 104 -16.25 -18.33 15.47
CA ALA B 104 -15.38 -18.99 14.49
C ALA B 104 -14.10 -19.53 15.10
N ILE B 105 -13.48 -18.77 16.00
CA ILE B 105 -12.25 -19.22 16.66
C ILE B 105 -12.52 -20.47 17.45
N GLN B 106 -13.62 -20.45 18.20
CA GLN B 106 -13.95 -21.49 19.13
C GLN B 106 -14.18 -22.80 18.40
N LEU B 107 -15.07 -22.76 17.42
CA LEU B 107 -15.30 -23.89 16.55
C LEU B 107 -14.02 -24.49 15.94
N LEU B 108 -13.07 -23.65 15.55
CA LEU B 108 -11.91 -24.12 14.81
C LEU B 108 -10.79 -24.68 15.68
N GLN B 109 -10.87 -24.48 16.99
CA GLN B 109 -9.86 -25.06 17.89
C GLN B 109 -10.22 -26.52 18.29
N ASP B 110 -10.92 -27.21 17.41
CA ASP B 110 -11.47 -28.54 17.72
C ASP B 110 -12.02 -29.24 16.47
N ARG B 111 -11.15 -30.02 15.83
CA ARG B 111 -11.43 -30.57 14.51
C ARG B 111 -12.76 -31.32 14.40
N LEU B 112 -13.23 -31.93 15.48
CA LEU B 112 -14.44 -32.75 15.42
C LEU B 112 -15.69 -31.90 15.33
N THR B 113 -15.72 -30.80 16.09
CA THR B 113 -16.86 -29.88 16.05
C THR B 113 -16.81 -29.01 14.77
N GLU B 114 -15.60 -28.67 14.32
CA GLU B 114 -15.44 -28.06 12.99
C GLU B 114 -16.14 -28.96 11.95
N LYS B 115 -15.66 -30.20 11.85
CA LYS B 115 -16.16 -31.22 10.97
C LYS B 115 -17.66 -31.38 11.08
N GLU B 116 -18.16 -31.50 12.32
CA GLU B 116 -19.57 -31.83 12.53
C GLU B 116 -20.49 -30.67 12.20
N THR B 117 -20.05 -29.44 12.48
CA THR B 117 -20.87 -28.28 12.15
C THR B 117 -20.76 -27.90 10.66
N LEU B 118 -19.63 -28.22 10.05
CA LEU B 118 -19.55 -28.14 8.60
C LEU B 118 -20.51 -29.12 7.94
N LYS B 119 -20.70 -30.28 8.54
CA LYS B 119 -21.61 -31.30 8.05
C LYS B 119 -23.06 -30.88 8.28
N SER B 120 -23.36 -30.44 9.51
CA SER B 120 -24.66 -29.84 9.87
C SER B 120 -25.10 -28.76 8.91
N ALA B 121 -24.12 -28.04 8.37
CA ALA B 121 -24.36 -26.87 7.56
C ALA B 121 -24.64 -27.26 6.12
N GLY B 122 -24.44 -28.53 5.78
CA GLY B 122 -24.69 -29.01 4.43
C GLY B 122 -23.52 -28.86 3.44
N THR B 123 -22.32 -28.56 3.93
CA THR B 123 -21.16 -28.46 3.03
C THR B 123 -20.55 -29.82 2.78
N LYS B 124 -19.81 -29.94 1.68
CA LYS B 124 -19.10 -31.17 1.31
C LYS B 124 -17.81 -31.29 2.11
N VAL B 125 -17.87 -32.03 3.19
CA VAL B 125 -16.71 -32.23 4.07
C VAL B 125 -16.12 -33.58 3.75
N VAL B 126 -14.83 -33.75 4.01
CA VAL B 126 -14.21 -35.08 3.82
C VAL B 126 -14.80 -36.11 4.83
N PRO B 127 -15.35 -37.24 4.35
CA PRO B 127 -15.99 -38.18 5.29
C PRO B 127 -15.03 -38.49 6.45
N PHE B 128 -15.52 -38.42 7.67
CA PHE B 128 -14.65 -38.53 8.84
C PHE B 128 -15.36 -39.30 9.96
N ILE B 129 -14.59 -39.66 10.97
CA ILE B 129 -15.12 -40.37 12.12
C ILE B 129 -14.33 -39.93 13.35
N SER B 130 -14.95 -39.98 14.52
CA SER B 130 -14.16 -39.73 15.72
C SER B 130 -13.45 -41.00 16.18
N VAL B 131 -12.15 -40.88 16.41
CA VAL B 131 -11.41 -41.92 17.08
C VAL B 131 -11.07 -41.47 18.50
N LYS B 132 -11.93 -41.86 19.43
CA LYS B 132 -11.73 -41.60 20.85
C LYS B 132 -10.88 -42.73 21.45
N GLU B 133 -11.41 -43.95 21.40
CA GLU B 133 -10.80 -45.13 22.06
C GLU B 133 -9.94 -45.96 21.12
N SER B 134 -9.15 -46.88 21.70
CA SER B 134 -8.33 -47.79 20.91
C SER B 134 -9.18 -48.61 19.93
N THR B 135 -10.38 -48.98 20.39
CA THR B 135 -11.32 -49.79 19.61
C THR B 135 -11.91 -49.08 18.37
N ASP B 136 -11.83 -47.76 18.34
CA ASP B 136 -12.47 -46.96 17.29
C ASP B 136 -11.77 -47.05 15.93
N ILE B 137 -10.47 -47.37 15.92
CA ILE B 137 -9.77 -47.42 14.63
C ILE B 137 -10.42 -48.49 13.78
N ASP B 138 -10.93 -49.51 14.45
CA ASP B 138 -11.72 -50.56 13.83
C ASP B 138 -12.92 -49.95 13.11
N LYS B 139 -13.65 -49.07 13.79
CA LYS B 139 -14.82 -48.39 13.22
C LYS B 139 -14.40 -47.50 12.04
N ALA B 140 -13.18 -46.96 12.09
CA ALA B 140 -12.64 -46.14 11.00
C ALA B 140 -12.34 -46.95 9.73
N ILE B 141 -11.52 -47.99 9.83
CA ILE B 141 -11.18 -48.82 8.66
C ILE B 141 -12.42 -49.49 8.01
N GLU B 142 -13.53 -49.53 8.73
CA GLU B 142 -14.80 -50.02 8.16
C GLU B 142 -15.46 -48.97 7.28
N THR B 143 -15.54 -47.74 7.79
CA THR B 143 -16.26 -46.64 7.12
C THR B 143 -15.40 -45.88 6.10
N LEU B 144 -14.17 -45.58 6.46
CA LEU B 144 -13.28 -44.79 5.60
C LEU B 144 -12.42 -45.72 4.76
N GLY B 145 -11.75 -46.66 5.41
CA GLY B 145 -10.90 -47.63 4.73
C GLY B 145 -9.53 -47.05 4.46
N TYR B 146 -8.67 -47.86 3.87
CA TYR B 146 -7.32 -47.40 3.53
C TYR B 146 -7.34 -46.67 2.19
N PRO B 147 -6.68 -45.50 2.13
CA PRO B 147 -6.01 -44.85 3.26
C PRO B 147 -6.85 -43.79 4.00
N PHE B 148 -6.65 -43.72 5.31
CA PHE B 148 -7.23 -42.67 6.12
C PHE B 148 -6.16 -42.10 7.03
N ILE B 149 -6.43 -40.94 7.62
CA ILE B 149 -5.44 -40.23 8.45
C ILE B 149 -6.04 -39.80 9.78
N VAL B 150 -5.22 -39.86 10.82
CA VAL B 150 -5.69 -39.62 12.17
C VAL B 150 -5.09 -38.34 12.72
N LYS B 151 -5.94 -37.37 13.07
CA LYS B 151 -5.48 -36.06 13.54
C LYS B 151 -5.97 -35.79 14.96
N THR B 152 -5.12 -35.09 15.73
CA THR B 152 -5.44 -34.70 17.10
C THR B 152 -6.65 -33.75 17.10
N ARG B 153 -7.66 -34.11 17.90
CA ARG B 153 -8.87 -33.30 18.02
C ARG B 153 -8.56 -31.86 18.48
N PHE B 154 -7.54 -31.72 19.33
CA PHE B 154 -7.21 -30.43 19.97
C PHE B 154 -5.80 -29.89 19.66
N GLY B 155 -5.64 -28.57 19.74
CA GLY B 155 -4.34 -27.90 19.58
C GLY B 155 -4.08 -27.44 18.15
N GLY B 156 -3.11 -28.07 17.49
CA GLY B 156 -2.79 -27.75 16.10
C GLY B 156 -2.37 -26.30 15.87
N VAL B 163 -0.92 -37.87 10.56
CA VAL B 163 -0.42 -39.19 10.97
C VAL B 163 -1.03 -40.34 10.12
N LEU B 164 -0.61 -40.36 8.86
CA LEU B 164 -1.25 -41.13 7.79
C LEU B 164 -1.23 -42.61 8.04
N ILE B 165 -2.30 -43.29 7.63
CA ILE B 165 -2.40 -44.74 7.81
C ILE B 165 -2.75 -45.43 6.49
N ASN B 166 -1.71 -45.76 5.73
CA ASN B 166 -1.85 -46.45 4.45
C ASN B 166 -2.25 -47.92 4.60
N ASN B 167 -1.66 -48.63 5.56
CA ASN B 167 -1.88 -50.05 5.72
C ASN B 167 -1.69 -50.55 7.13
N GLU B 168 -1.56 -51.86 7.27
CA GLU B 168 -1.39 -52.53 8.57
C GLU B 168 -0.19 -51.99 9.35
N LYS B 169 0.93 -51.75 8.68
CA LYS B 169 2.19 -51.40 9.36
C LYS B 169 2.16 -50.05 10.08
N ASP B 170 1.38 -49.11 9.54
CA ASP B 170 1.20 -47.80 10.16
C ASP B 170 0.23 -47.87 11.35
N LEU B 171 -0.56 -48.94 11.42
CA LEU B 171 -1.53 -49.13 12.52
C LEU B 171 -0.97 -48.89 13.93
N GLN B 172 0.20 -49.44 14.23
CA GLN B 172 0.79 -49.30 15.57
C GLN B 172 1.06 -47.83 15.92
N GLU B 173 1.69 -47.12 15.00
CA GLU B 173 2.01 -45.69 15.17
C GLU B 173 0.75 -44.85 15.50
N GLY B 174 -0.39 -45.29 14.97
CA GLY B 174 -1.67 -44.62 15.17
C GLY B 174 -2.33 -44.98 16.49
N PHE B 175 -2.35 -46.27 16.80
CA PHE B 175 -2.78 -46.74 18.12
C PHE B 175 -2.04 -46.00 19.24
N LYS B 176 -0.80 -45.61 18.95
CA LYS B 176 0.07 -44.87 19.87
C LYS B 176 -0.36 -43.43 20.14
N LEU B 177 -1.04 -42.83 19.16
CA LEU B 177 -1.55 -41.48 19.32
C LEU B 177 -2.92 -41.45 20.00
N ILE B 178 -3.81 -42.39 19.63
CA ILE B 178 -5.10 -42.62 20.30
C ILE B 178 -4.92 -42.89 21.79
N GLU B 179 -3.83 -43.60 22.11
CA GLU B 179 -3.35 -43.74 23.47
C GLU B 179 -3.09 -42.35 24.01
N THR B 180 -3.96 -41.91 24.92
CA THR B 180 -3.90 -40.60 25.58
C THR B 180 -3.69 -39.40 24.62
N SER B 181 -4.78 -39.03 23.93
CA SER B 181 -4.85 -37.93 22.96
C SER B 181 -5.98 -38.25 21.96
N GLU B 182 -7.19 -37.76 22.27
CA GLU B 182 -8.40 -38.01 21.47
C GLU B 182 -8.32 -37.42 20.06
N CYS B 183 -8.74 -38.21 19.06
CA CYS B 183 -8.50 -37.90 17.66
C CYS B 183 -9.73 -37.87 16.74
N VAL B 184 -9.51 -37.31 15.53
CA VAL B 184 -10.45 -37.35 14.41
C VAL B 184 -9.79 -37.97 13.16
N ALA B 185 -10.45 -38.99 12.62
CA ALA B 185 -9.97 -39.73 11.44
C ALA B 185 -10.72 -39.33 10.18
N GLU B 186 -10.01 -39.25 9.06
CA GLU B 186 -10.61 -38.83 7.80
C GLU B 186 -9.98 -39.48 6.58
N LYS B 187 -10.79 -39.68 5.53
CA LYS B 187 -10.35 -40.23 4.26
C LYS B 187 -9.15 -39.48 3.76
N TYR B 188 -8.16 -40.23 3.27
CA TYR B 188 -7.03 -39.64 2.57
C TYR B 188 -7.39 -39.57 1.09
N LEU B 189 -7.57 -38.36 0.58
CA LEU B 189 -7.98 -38.22 -0.81
C LEU B 189 -6.77 -38.16 -1.69
N ASN B 190 -6.97 -38.52 -2.95
CA ASN B 190 -6.01 -38.22 -4.00
C ASN B 190 -6.32 -36.80 -4.53
N ILE B 191 -5.54 -35.83 -4.08
CA ILE B 191 -5.72 -34.40 -4.41
C ILE B 191 -5.11 -33.99 -5.76
N LYS B 192 -5.96 -33.58 -6.68
CA LYS B 192 -5.56 -33.06 -7.98
C LYS B 192 -5.19 -31.57 -7.87
N LYS B 193 -5.97 -30.78 -7.14
CA LYS B 193 -5.71 -29.31 -7.01
C LYS B 193 -6.18 -28.83 -5.63
N GLU B 194 -5.62 -27.70 -5.19
CA GLU B 194 -6.12 -27.01 -4.05
C GLU B 194 -6.47 -25.57 -4.41
N VAL B 195 -7.60 -25.08 -3.90
CA VAL B 195 -7.99 -23.73 -4.18
C VAL B 195 -8.48 -23.07 -2.89
N SER B 196 -8.49 -21.74 -2.89
CA SER B 196 -9.02 -21.02 -1.75
C SER B 196 -9.91 -19.90 -2.23
N LEU B 197 -10.90 -19.54 -1.45
CA LEU B 197 -11.73 -18.40 -1.81
C LEU B 197 -11.59 -17.42 -0.65
N THR B 198 -11.07 -16.24 -0.93
CA THR B 198 -10.97 -15.20 0.09
C THR B 198 -12.21 -14.34 0.00
N VAL B 199 -12.79 -14.04 1.14
CA VAL B 199 -14.08 -13.37 1.19
C VAL B 199 -14.05 -12.34 2.27
N THR B 200 -14.82 -11.25 2.08
CA THR B 200 -15.06 -10.29 3.14
C THR B 200 -16.55 -10.12 3.42
N ARG B 201 -16.91 -10.15 4.71
CA ARG B 201 -18.29 -10.01 5.10
C ARG B 201 -18.43 -8.80 6.00
N GLY B 202 -19.40 -7.95 5.74
CA GLY B 202 -19.47 -6.67 6.48
C GLY B 202 -20.81 -6.48 7.18
N ASN B 203 -21.05 -5.26 7.68
CA ASN B 203 -22.35 -4.87 8.20
C ASN B 203 -23.46 -5.13 7.17
N ASN B 204 -24.64 -5.47 7.67
CA ASN B 204 -25.80 -5.63 6.80
C ASN B 204 -25.75 -6.76 5.77
N ASN B 205 -25.12 -7.87 6.13
CA ASN B 205 -25.04 -9.01 5.19
C ASN B 205 -24.29 -8.79 3.86
N GLN B 206 -23.54 -7.70 3.76
CA GLN B 206 -22.74 -7.51 2.57
C GLN B 206 -21.61 -8.57 2.52
N ILE B 207 -21.45 -9.20 1.37
CA ILE B 207 -20.49 -10.27 1.13
C ILE B 207 -19.81 -10.00 -0.22
N THR B 208 -18.49 -9.98 -0.22
CA THR B 208 -17.76 -9.68 -1.45
C THR B 208 -16.69 -10.77 -1.66
N PHE B 209 -16.60 -11.29 -2.88
CA PHE B 209 -15.68 -12.39 -3.16
C PHE B 209 -14.45 -11.94 -3.95
N PHE B 210 -13.28 -12.42 -3.54
CA PHE B 210 -12.05 -12.19 -4.31
C PHE B 210 -11.99 -13.28 -5.34
N PRO B 211 -11.17 -13.12 -6.39
CA PRO B 211 -10.97 -14.18 -7.41
C PRO B 211 -10.49 -15.49 -6.76
N LEU B 212 -11.03 -16.60 -7.22
CA LEU B 212 -10.63 -17.91 -6.75
C LEU B 212 -9.15 -18.11 -6.96
N GLN B 213 -8.49 -18.63 -5.92
CA GLN B 213 -7.03 -18.78 -5.89
C GLN B 213 -6.62 -20.26 -5.97
N GLU B 214 -5.61 -20.58 -6.79
CA GLU B 214 -5.08 -21.94 -6.85
C GLU B 214 -3.75 -22.04 -6.04
N ASN B 215 -3.73 -22.90 -5.04
CA ASN B 215 -2.60 -22.96 -4.12
C ASN B 215 -1.78 -24.22 -4.23
N GLU B 216 -0.46 -24.09 -4.21
CA GLU B 216 0.44 -25.24 -4.13
C GLU B 216 1.22 -25.18 -2.83
N HIS B 217 1.21 -26.28 -2.06
CA HIS B 217 1.98 -26.40 -0.79
C HIS B 217 3.18 -27.27 -1.03
N ARG B 218 4.26 -27.05 -0.26
CA ARG B 218 5.46 -27.88 -0.23
C ARG B 218 5.82 -28.03 1.23
N ASN B 219 6.05 -29.26 1.70
CA ASN B 219 6.36 -29.46 3.11
C ASN B 219 5.30 -28.85 4.01
N GLN B 220 4.04 -28.86 3.57
CA GLN B 220 2.93 -28.32 4.37
C GLN B 220 2.93 -26.80 4.57
N ILE B 221 3.73 -26.10 3.77
CA ILE B 221 3.76 -24.65 3.83
C ILE B 221 3.33 -24.12 2.46
N LEU B 222 2.53 -23.07 2.44
CA LEU B 222 2.09 -22.48 1.17
C LEU B 222 3.36 -22.06 0.38
N PHE B 223 3.42 -22.47 -0.89
CA PHE B 223 4.55 -22.25 -1.76
C PHE B 223 4.22 -21.24 -2.87
N LYS B 224 3.14 -21.52 -3.62
CA LYS B 224 2.77 -20.75 -4.76
C LYS B 224 1.26 -20.59 -4.79
N THR B 225 0.80 -19.37 -5.09
CA THR B 225 -0.62 -19.10 -5.34
C THR B 225 -0.79 -18.47 -6.72
N ILE B 226 -1.67 -19.02 -7.54
CA ILE B 226 -1.92 -18.53 -8.91
C ILE B 226 -3.33 -18.03 -9.05
N VAL B 227 -3.48 -16.84 -9.63
CA VAL B 227 -4.79 -16.26 -9.88
C VAL B 227 -4.80 -15.78 -11.34
N PRO B 228 -5.79 -16.20 -12.12
CA PRO B 228 -7.02 -16.92 -11.73
C PRO B 228 -6.77 -18.40 -11.59
N ALA B 229 -7.43 -19.05 -10.64
CA ALA B 229 -7.26 -20.49 -10.48
C ALA B 229 -7.49 -21.18 -11.84
N ARG B 230 -6.69 -22.22 -12.13
CA ARG B 230 -6.73 -22.86 -13.44
C ARG B 230 -7.72 -24.04 -13.45
N ILE B 231 -8.60 -24.02 -12.46
CA ILE B 231 -9.69 -24.98 -12.39
C ILE B 231 -10.99 -24.25 -12.05
N ASP B 232 -12.02 -24.47 -12.86
CA ASP B 232 -13.26 -23.71 -12.75
C ASP B 232 -14.25 -24.20 -11.65
N LYS B 233 -14.04 -23.74 -10.43
CA LYS B 233 -14.80 -24.17 -9.30
C LYS B 233 -15.42 -22.98 -8.56
N THR B 234 -15.37 -21.81 -9.17
CA THR B 234 -15.82 -20.58 -8.53
C THR B 234 -17.25 -20.68 -7.97
N ALA B 235 -18.18 -21.05 -8.83
CA ALA B 235 -19.58 -21.12 -8.47
C ALA B 235 -19.81 -22.12 -7.34
N GLU B 236 -19.31 -23.35 -7.49
CA GLU B 236 -19.37 -24.36 -6.42
C GLU B 236 -18.72 -23.90 -5.12
N ALA B 237 -17.50 -23.34 -5.18
CA ALA B 237 -16.87 -22.78 -3.99
C ALA B 237 -17.73 -21.71 -3.31
N LYS B 238 -18.26 -20.77 -4.09
CA LYS B 238 -19.17 -19.76 -3.55
C LYS B 238 -20.38 -20.36 -2.84
N GLU B 239 -21.01 -21.36 -3.45
CA GLU B 239 -22.15 -22.07 -2.83
C GLU B 239 -21.80 -22.63 -1.45
N GLN B 240 -20.58 -23.15 -1.32
CA GLN B 240 -20.17 -23.70 -0.04
C GLN B 240 -19.95 -22.58 0.99
N VAL B 241 -19.29 -21.50 0.58
CA VAL B 241 -19.07 -20.40 1.47
C VAL B 241 -20.41 -19.86 1.94
N ASN B 242 -21.36 -19.68 1.00
CA ASN B 242 -22.72 -19.21 1.36
C ASN B 242 -23.42 -20.10 2.40
N LYS B 243 -23.07 -21.39 2.42
CA LYS B 243 -23.65 -22.32 3.39
C LYS B 243 -22.96 -22.18 4.74
N ILE B 244 -21.64 -22.05 4.68
CA ILE B 244 -20.82 -21.87 5.88
C ILE B 244 -21.22 -20.59 6.62
N ILE B 245 -21.50 -19.56 5.85
CA ILE B 245 -21.86 -18.26 6.38
C ILE B 245 -23.17 -18.36 7.19
N GLN B 246 -24.05 -19.31 6.87
CA GLN B 246 -25.28 -19.52 7.65
C GLN B 246 -25.03 -20.07 9.03
N SER B 247 -23.97 -20.85 9.21
CA SER B 247 -23.72 -21.46 10.53
C SER B 247 -22.64 -20.75 11.35
N ILE B 248 -21.79 -19.98 10.68
CA ILE B 248 -20.65 -19.37 11.32
C ILE B 248 -20.58 -17.89 10.98
N HIS B 249 -20.46 -17.10 12.04
CA HIS B 249 -20.43 -15.65 11.99
C HIS B 249 -19.05 -15.16 11.56
N PHE B 250 -19.00 -14.43 10.46
CA PHE B 250 -17.78 -13.70 10.09
C PHE B 250 -18.07 -12.22 9.87
N ILE B 251 -17.13 -11.37 10.28
CA ILE B 251 -17.04 -10.00 9.81
C ILE B 251 -15.57 -9.70 9.44
N GLY B 252 -15.36 -8.97 8.36
CA GLY B 252 -14.01 -8.85 7.86
C GLY B 252 -13.69 -9.99 6.88
N THR B 253 -12.40 -10.14 6.58
CA THR B 253 -11.97 -11.03 5.52
C THR B 253 -11.69 -12.38 6.15
N PHE B 254 -12.03 -13.43 5.43
CA PHE B 254 -11.76 -14.77 5.89
C PHE B 254 -11.58 -15.59 4.66
N THR B 255 -11.06 -16.81 4.85
CA THR B 255 -10.62 -17.61 3.71
C THR B 255 -11.05 -19.01 3.94
N VAL B 256 -11.63 -19.59 2.91
CA VAL B 256 -11.97 -21.00 2.92
C VAL B 256 -11.10 -21.76 1.89
N GLU B 257 -10.40 -22.78 2.37
CA GLU B 257 -9.54 -23.61 1.57
C GLU B 257 -10.27 -24.89 1.20
N PHE B 258 -10.15 -25.33 -0.05
CA PHE B 258 -10.83 -26.47 -0.59
C PHE B 258 -9.82 -27.48 -1.18
N PHE B 259 -10.24 -28.73 -1.27
CA PHE B 259 -9.50 -29.78 -1.97
C PHE B 259 -10.29 -30.10 -3.20
N ILE B 260 -9.60 -30.35 -4.31
CA ILE B 260 -10.27 -30.96 -5.44
C ILE B 260 -9.62 -32.31 -5.69
N ASP B 261 -10.42 -33.39 -5.63
CA ASP B 261 -9.84 -34.72 -5.80
C ASP B 261 -9.72 -35.09 -7.28
N SER B 262 -9.09 -36.24 -7.57
CA SER B 262 -8.79 -36.64 -8.94
C SER B 262 -10.03 -36.89 -9.77
N ASN B 263 -11.18 -37.07 -9.11
CA ASN B 263 -12.46 -37.16 -9.81
C ASN B 263 -13.21 -35.84 -9.89
N ASN B 264 -12.53 -34.76 -9.52
CA ASN B 264 -13.08 -33.41 -9.63
C ASN B 264 -14.09 -33.03 -8.53
N GLN B 265 -14.13 -33.80 -7.47
CA GLN B 265 -15.06 -33.48 -6.38
C GLN B 265 -14.43 -32.44 -5.48
N LEU B 266 -15.19 -31.40 -5.15
CA LEU B 266 -14.75 -30.33 -4.27
C LEU B 266 -15.05 -30.65 -2.79
N TYR B 267 -14.10 -30.42 -1.90
CA TYR B 267 -14.36 -30.56 -0.47
C TYR B 267 -13.90 -29.33 0.27
N VAL B 268 -14.60 -28.97 1.35
CA VAL B 268 -14.11 -27.93 2.21
C VAL B 268 -12.98 -28.53 3.01
N ASN B 269 -11.83 -27.85 3.02
CA ASN B 269 -10.69 -28.29 3.83
C ASN B 269 -10.68 -27.59 5.20
N GLU B 270 -10.39 -26.28 5.23
CA GLU B 270 -10.39 -25.57 6.48
C GLU B 270 -10.70 -24.10 6.29
N ILE B 271 -11.08 -23.44 7.37
CA ILE B 271 -11.44 -22.06 7.33
C ILE B 271 -10.47 -21.27 8.17
N ALA B 272 -10.07 -20.11 7.67
CA ALA B 272 -9.37 -19.17 8.48
C ALA B 272 -10.26 -17.93 8.58
N PRO B 273 -10.62 -17.57 9.81
CA PRO B 273 -11.46 -16.42 10.12
C PRO B 273 -10.67 -15.11 10.12
N ARG B 274 -9.87 -14.85 9.08
CA ARG B 274 -8.95 -13.71 9.06
C ARG B 274 -8.30 -13.68 7.68
N PRO B 275 -7.65 -12.56 7.31
CA PRO B 275 -6.82 -12.52 6.11
C PRO B 275 -5.84 -13.71 6.08
N HIS B 276 -5.56 -14.24 4.91
CA HIS B 276 -4.86 -15.49 4.77
C HIS B 276 -3.75 -15.37 3.72
N ASN B 277 -2.68 -16.15 3.93
CA ASN B 277 -1.45 -16.09 3.09
C ASN B 277 -1.78 -16.15 1.60
N SER B 278 -2.86 -16.86 1.26
CA SER B 278 -3.20 -17.10 -0.18
C SER B 278 -3.86 -15.87 -0.82
N GLY B 279 -4.10 -14.83 -0.03
CA GLY B 279 -4.72 -13.59 -0.57
C GLY B 279 -3.77 -12.40 -0.73
N HIS B 280 -2.48 -12.53 -0.43
CA HIS B 280 -1.58 -11.36 -0.43
C HIS B 280 -1.38 -10.83 -1.85
N TYR B 281 -1.55 -11.67 -2.87
CA TYR B 281 -1.41 -11.22 -4.25
C TYR B 281 -2.37 -10.02 -4.55
N SER B 282 -3.48 -9.94 -3.79
CA SER B 282 -4.53 -8.95 -4.09
C SER B 282 -4.02 -7.56 -3.85
N ILE B 283 -2.94 -7.42 -3.11
CA ILE B 283 -2.38 -6.08 -2.90
C ILE B 283 -1.99 -5.45 -4.24
N GLU B 284 -1.29 -6.20 -5.10
CA GLU B 284 -0.91 -5.62 -6.38
C GLU B 284 -1.91 -5.94 -7.50
N ALA B 285 -2.64 -7.04 -7.41
CA ALA B 285 -3.33 -7.55 -8.59
C ALA B 285 -4.77 -7.10 -8.70
N CYS B 286 -5.39 -6.71 -7.58
CA CYS B 286 -6.84 -6.37 -7.58
C CYS B 286 -7.01 -4.92 -7.28
N ASP B 287 -8.24 -4.43 -7.43
CA ASP B 287 -8.56 -3.04 -7.12
C ASP B 287 -8.63 -2.75 -5.63
N TYR B 288 -8.88 -3.79 -4.83
CA TYR B 288 -8.91 -3.73 -3.35
C TYR B 288 -8.07 -4.89 -2.88
N SER B 289 -7.37 -4.74 -1.78
CA SER B 289 -6.66 -5.91 -1.19
C SER B 289 -7.53 -6.49 -0.05
N GLN B 290 -7.15 -7.68 0.41
CA GLN B 290 -7.93 -8.41 1.39
C GLN B 290 -7.81 -7.70 2.73
N PHE B 291 -6.75 -6.90 2.89
CA PHE B 291 -6.57 -6.07 4.08
C PHE B 291 -7.40 -4.79 3.99
N ASP B 292 -7.45 -4.15 2.80
CA ASP B 292 -8.31 -2.98 2.64
C ASP B 292 -9.77 -3.33 2.97
N THR B 293 -10.28 -4.41 2.40
CA THR B 293 -11.68 -4.75 2.66
C THR B 293 -11.87 -5.21 4.12
N HIS B 294 -10.86 -5.81 4.74
CA HIS B 294 -10.98 -6.19 6.16
C HIS B 294 -11.20 -4.95 7.08
N ILE B 295 -10.45 -3.90 6.81
CA ILE B 295 -10.56 -2.65 7.57
C ILE B 295 -11.93 -1.96 7.36
N LEU B 296 -12.38 -1.88 6.10
CA LEU B 296 -13.73 -1.44 5.79
C LEU B 296 -14.78 -2.20 6.55
N ALA B 297 -14.74 -3.53 6.47
CA ALA B 297 -15.78 -4.37 7.06
C ALA B 297 -15.82 -4.12 8.55
N VAL B 298 -14.65 -4.25 9.16
CA VAL B 298 -14.48 -4.16 10.60
C VAL B 298 -14.86 -2.76 11.18
N THR B 299 -14.66 -1.68 10.40
CA THR B 299 -15.04 -0.34 10.86
C THR B 299 -16.52 0.00 10.48
N GLY B 300 -17.23 -0.96 9.93
CA GLY B 300 -18.63 -0.75 9.58
C GLY B 300 -18.94 0.01 8.32
N GLN B 301 -17.97 0.13 7.41
CA GLN B 301 -18.14 0.83 6.14
C GLN B 301 -18.79 -0.10 5.12
N SER B 302 -19.34 0.45 4.05
CA SER B 302 -19.82 -0.38 2.94
C SER B 302 -18.63 -1.05 2.23
N LEU B 303 -18.83 -2.29 1.79
CA LEU B 303 -17.87 -3.04 0.98
C LEU B 303 -18.12 -2.85 -0.54
N PRO B 304 -17.06 -2.96 -1.37
CA PRO B 304 -17.40 -2.96 -2.79
C PRO B 304 -18.22 -4.21 -3.15
N ASN B 305 -19.04 -4.11 -4.21
CA ASN B 305 -19.90 -5.23 -4.63
C ASN B 305 -19.15 -6.34 -5.33
N SER B 306 -18.01 -6.01 -5.93
CA SER B 306 -17.17 -7.03 -6.52
C SER B 306 -15.69 -6.64 -6.43
N ILE B 307 -14.85 -7.65 -6.48
CA ILE B 307 -13.44 -7.41 -6.58
C ILE B 307 -13.04 -7.70 -8.00
N GLU B 308 -12.28 -6.80 -8.58
CA GLU B 308 -11.82 -6.95 -9.94
C GLU B 308 -10.34 -7.43 -9.91
N LEU B 309 -10.03 -8.45 -10.72
CA LEU B 309 -8.66 -8.86 -10.98
C LEU B 309 -8.09 -8.00 -12.10
N LEU B 310 -7.25 -7.04 -11.75
CA LEU B 310 -6.73 -6.12 -12.76
C LEU B 310 -5.65 -6.75 -13.66
N LYS B 311 -4.86 -7.68 -13.11
CA LYS B 311 -3.90 -8.41 -13.87
C LYS B 311 -3.63 -9.74 -13.14
N PRO B 312 -3.48 -10.85 -13.91
CA PRO B 312 -3.17 -12.14 -13.26
C PRO B 312 -1.85 -12.08 -12.52
N ALA B 313 -1.69 -12.94 -11.52
CA ALA B 313 -0.54 -12.91 -10.62
C ALA B 313 -0.07 -14.33 -10.28
N VAL B 314 1.23 -14.51 -10.12
CA VAL B 314 1.76 -15.70 -9.47
C VAL B 314 2.45 -15.19 -8.21
N ASN B 317 5.75 -17.46 -1.76
CA ASN B 317 6.23 -17.19 -0.43
C ASN B 317 7.76 -17.09 -0.41
N LEU B 318 8.29 -16.30 0.51
CA LEU B 318 9.73 -16.27 0.71
C LEU B 318 10.06 -16.80 2.10
N LEU B 319 10.43 -18.06 2.18
CA LEU B 319 10.90 -18.61 3.44
C LEU B 319 12.35 -18.19 3.62
N GLY B 320 12.91 -18.46 4.79
CA GLY B 320 14.31 -18.16 5.06
C GLY B 320 15.23 -18.79 4.03
N LYS B 321 14.98 -20.08 3.70
CA LYS B 321 15.80 -20.79 2.70
C LYS B 321 15.67 -20.22 1.31
N ASP B 322 14.53 -19.60 1.00
CA ASP B 322 14.39 -18.87 -0.27
C ASP B 322 15.19 -17.53 -0.27
N LEU B 323 15.21 -16.79 0.84
CA LEU B 323 16.09 -15.64 0.93
C LEU B 323 17.54 -16.07 0.74
N ASP B 324 17.97 -17.10 1.45
CA ASP B 324 19.32 -17.62 1.30
C ASP B 324 19.64 -17.85 -0.18
N LEU B 325 18.66 -18.34 -0.91
CA LEU B 325 18.91 -18.68 -2.30
C LEU B 325 18.91 -17.45 -3.21
N LEU B 326 17.92 -16.56 -3.01
CA LEU B 326 17.55 -15.59 -4.01
C LEU B 326 17.86 -14.12 -3.66
N GLU B 327 18.16 -13.81 -2.40
CA GLU B 327 18.18 -12.39 -2.01
C GLU B 327 19.16 -11.55 -2.84
N ASN B 328 20.26 -12.17 -3.26
CA ASN B 328 21.25 -11.43 -4.08
C ASN B 328 20.79 -11.04 -5.49
N GLU B 329 19.72 -11.64 -6.00
CA GLU B 329 19.17 -11.15 -7.26
C GLU B 329 17.92 -10.28 -7.19
N PHE B 330 17.45 -9.89 -5.99
CA PHE B 330 16.22 -9.08 -5.86
C PHE B 330 16.35 -7.75 -6.57
N ASN B 331 17.54 -7.17 -6.46
CA ASN B 331 17.84 -5.87 -7.06
C ASN B 331 17.59 -5.82 -8.59
N GLU B 332 17.66 -6.96 -9.24
CA GLU B 332 17.59 -7.02 -10.70
C GLU B 332 16.15 -7.24 -11.15
N HIS B 333 15.24 -7.46 -10.20
CA HIS B 333 13.86 -7.80 -10.58
C HIS B 333 12.79 -6.96 -9.89
N PRO B 334 12.57 -5.75 -10.40
CA PRO B 334 11.47 -4.97 -9.83
C PRO B 334 10.13 -5.65 -10.08
N GLU B 335 10.03 -6.39 -11.18
CA GLU B 335 8.76 -7.08 -11.51
C GLU B 335 8.44 -8.23 -10.51
N TRP B 336 9.29 -8.46 -9.50
CA TRP B 336 8.91 -9.37 -8.41
C TRP B 336 8.06 -8.74 -7.27
N HIS B 337 7.98 -7.42 -7.20
CA HIS B 337 7.16 -6.73 -6.20
C HIS B 337 7.38 -7.36 -4.81
N LEU B 338 8.61 -7.28 -4.33
CA LEU B 338 9.00 -7.90 -3.08
C LEU B 338 8.37 -7.23 -1.85
N HIS B 339 7.80 -8.06 -0.97
CA HIS B 339 7.41 -7.64 0.40
C HIS B 339 8.38 -8.36 1.35
N ILE B 340 9.08 -7.63 2.21
CA ILE B 340 9.97 -8.27 3.15
C ILE B 340 9.45 -7.84 4.50
N TYR B 341 9.05 -8.79 5.34
CA TYR B 341 8.25 -8.43 6.53
C TYR B 341 9.06 -7.69 7.55
N GLY B 342 10.37 -7.89 7.57
CA GLY B 342 11.26 -7.20 8.50
C GLY B 342 11.56 -7.97 9.75
N LYS B 343 11.38 -9.29 9.75
CA LYS B 343 11.70 -10.12 10.91
C LYS B 343 13.21 -10.28 11.00
N SER B 344 13.78 -10.11 12.19
CA SER B 344 15.26 -10.08 12.25
C SER B 344 15.94 -11.47 12.29
N GLU B 345 15.23 -12.45 12.81
CA GLU B 345 15.80 -13.78 12.96
C GLU B 345 15.33 -14.68 11.80
N ARG B 346 16.21 -14.88 10.81
CA ARG B 346 15.90 -15.73 9.66
C ARG B 346 15.98 -17.20 10.05
N LYS B 347 14.99 -18.00 9.63
CA LYS B 347 15.02 -19.46 9.84
C LYS B 347 14.62 -20.10 8.53
N ASP B 348 15.19 -21.26 8.23
CA ASP B 348 14.98 -21.88 6.93
C ASP B 348 13.50 -21.97 6.51
N SER B 349 12.64 -22.37 7.41
CA SER B 349 11.23 -22.57 7.09
C SER B 349 10.34 -21.40 7.50
N ARG B 350 10.90 -20.36 8.10
CA ARG B 350 10.04 -19.25 8.58
C ARG B 350 9.64 -18.32 7.42
N LYS B 351 8.39 -17.83 7.41
CA LYS B 351 7.91 -16.90 6.37
C LYS B 351 8.50 -15.49 6.57
N GLY B 353 8.78 -13.16 3.93
CA GLY B 353 8.32 -12.23 2.89
C GLY B 353 7.55 -12.98 1.84
N HIS B 354 7.09 -12.27 0.82
CA HIS B 354 6.53 -12.91 -0.34
C HIS B 354 6.80 -12.07 -1.58
N THR B 356 4.99 -11.05 -5.46
CA THR B 356 3.84 -11.14 -6.31
C THR B 356 4.23 -10.74 -7.73
N VAL B 357 4.12 -11.68 -8.65
CA VAL B 357 4.52 -11.40 -10.01
C VAL B 357 3.31 -11.24 -10.88
N LEU B 358 3.04 -10.01 -11.28
CA LEU B 358 1.92 -9.75 -12.19
C LEU B 358 2.34 -10.25 -13.54
N THR B 359 1.43 -10.87 -14.26
CA THR B 359 1.80 -11.47 -15.52
C THR B 359 0.58 -11.64 -16.42
N ASN B 360 0.82 -11.59 -17.72
CA ASN B 360 -0.20 -11.89 -18.73
C ASN B 360 -0.08 -13.31 -19.26
N ASP B 361 0.82 -14.08 -18.65
CA ASP B 361 1.03 -15.48 -19.00
C ASP B 361 1.43 -16.29 -17.78
N VAL B 362 0.44 -16.66 -16.99
CA VAL B 362 0.64 -17.39 -15.77
C VAL B 362 1.43 -18.67 -15.97
N ASN B 363 1.14 -19.42 -17.04
CA ASN B 363 1.82 -20.69 -17.28
C ASN B 363 3.29 -20.58 -17.53
N GLN B 364 3.66 -19.55 -18.28
CA GLN B 364 5.07 -19.27 -18.53
C GLN B 364 5.72 -18.80 -17.20
N THR B 365 5.07 -17.87 -16.51
CA THR B 365 5.61 -17.37 -15.23
C THR B 365 5.77 -18.51 -14.19
N GLU B 366 4.83 -19.42 -14.17
CA GLU B 366 4.93 -20.54 -13.21
C GLU B 366 6.20 -21.38 -13.45
N GLN B 367 6.52 -21.60 -14.72
CA GLN B 367 7.74 -22.36 -15.09
C GLN B 367 9.00 -21.62 -14.66
N ASP B 368 9.02 -20.31 -14.87
CA ASP B 368 10.14 -19.44 -14.45
C ASP B 368 10.33 -19.53 -12.95
N TYR B 370 9.28 -22.03 -10.85
CA TYR B 370 9.81 -23.38 -10.53
C TYR B 370 11.35 -23.40 -10.74
N ALA B 371 11.80 -22.94 -11.92
CA ALA B 371 13.24 -22.88 -12.19
C ALA B 371 13.97 -22.01 -11.16
N LYS B 372 13.38 -20.88 -10.82
CA LYS B 372 14.03 -19.96 -9.95
C LYS B 372 14.15 -20.52 -8.50
N PHE B 373 13.13 -21.26 -8.05
CA PHE B 373 13.07 -21.67 -6.65
C PHE B 373 13.68 -23.07 -6.46
N GLU B 374 14.07 -23.69 -7.55
CA GLU B 374 14.53 -25.07 -7.51
C GLU B 374 15.65 -25.30 -6.50
N GLY B 375 16.62 -24.38 -6.43
CA GLY B 375 17.78 -24.57 -5.56
C GLY B 375 17.50 -24.55 -4.07
N SER B 376 16.25 -24.24 -3.71
CA SER B 376 15.82 -24.23 -2.30
C SER B 376 14.79 -25.35 -1.95
N ASN B 377 14.50 -26.25 -2.91
CA ASN B 377 13.81 -27.55 -2.68
C ASN B 377 13.06 -28.07 -3.90
#